data_7KKQ
#
_entry.id   7KKQ
#
_cell.length_a   76.190
_cell.length_b   159.100
_cell.length_c   84.270
_cell.angle_alpha   90.000
_cell.angle_beta   90.000
_cell.angle_gamma   90.000
#
_symmetry.space_group_name_H-M   'P 21 21 2'
#
loop_
_entity.id
_entity.type
_entity.pdbx_description
1 polymer 'Poly [ADP-ribose] polymerase'
2 non-polymer (2R)-2-(7-carbamoyl-1H-benzimidazol-2-yl)-2-methylpyrrolidinium
3 non-polymer 'ZINC ION'
4 water water
#
_entity_poly.entity_id   1
_entity_poly.type   'polypeptide(L)'
_entity_poly.pdbx_seq_one_letter_code
;GSQGTILLDLAPEDKEYQSVEEEMQSTIREHRDGGNAGGIFNRYNVIRIQKVVNKKLRERFCHRQKEVSEENHNHHNERM
LFHGSPFINAIIHKGFDERHAYIGGMFGAGIYFAENSSKSNQYVYGIGGGTGCPTHKDRSCYICHRQMLFCRVTLGKSFL
QFSTMKMAHAPPGHHSVIGRPSVNGLAYAEYVIYRGEQAYPEYLITYQIMKPE
;
_entity_poly.pdbx_strand_id   A,B,C,D
#
# COMPACT_ATOMS: atom_id res chain seq x y z
N GLY A 4 -0.39 24.21 34.41
CA GLY A 4 -1.34 24.11 33.31
C GLY A 4 -1.16 22.90 32.42
N THR A 5 -1.29 23.10 31.11
CA THR A 5 -1.21 22.01 30.14
C THR A 5 0.16 21.44 29.95
N ILE A 6 0.21 20.11 29.87
CA ILE A 6 1.37 19.32 29.59
C ILE A 6 1.04 18.50 28.31
N LEU A 7 1.97 18.48 27.35
CA LEU A 7 1.79 17.68 26.12
C LEU A 7 2.67 16.45 26.19
N LEU A 8 2.06 15.27 26.11
CA LEU A 8 2.79 14.00 26.14
C LEU A 8 2.97 13.49 24.71
N ASP A 9 4.19 13.18 24.29
CA ASP A 9 4.42 12.67 22.94
C ASP A 9 4.06 11.20 22.79
N LEU A 10 3.27 10.89 21.74
CA LEU A 10 2.95 9.50 21.48
C LEU A 10 3.97 8.94 20.50
N ALA A 11 4.44 7.71 20.76
CA ALA A 11 5.44 7.13 19.87
C ALA A 11 4.76 6.48 18.66
N PRO A 12 5.30 6.71 17.44
CA PRO A 12 4.66 6.11 16.24
C PRO A 12 4.43 4.59 16.29
N GLU A 13 5.14 3.86 17.19
CA GLU A 13 5.08 2.40 17.40
C GLU A 13 3.94 2.00 18.31
N ASP A 14 3.39 2.95 19.08
CA ASP A 14 2.30 2.66 20.00
C ASP A 14 0.95 2.59 19.30
N LYS A 15 0.12 1.66 19.75
CA LYS A 15 -1.22 1.40 19.24
C LYS A 15 -2.05 2.70 19.29
N GLU A 16 -1.91 3.52 20.37
CA GLU A 16 -2.70 4.75 20.49
C GLU A 16 -2.39 5.75 19.36
N TYR A 17 -1.10 5.95 19.05
CA TYR A 17 -0.70 6.84 17.94
C TYR A 17 -1.30 6.30 16.61
N GLN A 18 -1.11 4.99 16.36
CA GLN A 18 -1.54 4.35 15.13
C GLN A 18 -3.08 4.43 14.97
N SER A 19 -3.81 4.32 16.09
CA SER A 19 -5.26 4.43 16.09
C SER A 19 -5.70 5.82 15.70
N VAL A 20 -5.12 6.86 16.34
CA VAL A 20 -5.45 8.26 15.99
C VAL A 20 -5.13 8.51 14.52
N GLU A 21 -3.94 8.12 14.05
CA GLU A 21 -3.57 8.38 12.67
C GLU A 21 -4.57 7.70 11.70
N GLU A 22 -4.93 6.42 11.96
CA GLU A 22 -5.86 5.75 11.05
C GLU A 22 -7.26 6.39 11.06
N GLU A 23 -7.73 6.94 12.20
CA GLU A 23 -9.02 7.67 12.19
C GLU A 23 -8.88 8.91 11.29
N MET A 24 -7.75 9.58 11.41
CA MET A 24 -7.50 10.77 10.61
C MET A 24 -7.37 10.47 9.12
N GLN A 25 -6.53 9.51 8.76
CA GLN A 25 -6.27 9.19 7.35
C GLN A 25 -7.49 8.58 6.64
N SER A 26 -8.29 7.82 7.35
CA SER A 26 -9.41 7.08 6.73
C SER A 26 -10.67 7.91 6.47
N THR A 27 -10.71 9.12 7.01
CA THR A 27 -11.89 9.99 6.96
C THR A 27 -11.69 11.21 6.06
N ILE A 28 -10.78 11.10 5.09
CA ILE A 28 -10.62 12.11 4.08
C ILE A 28 -11.75 11.89 3.07
N ARG A 29 -12.52 12.93 2.80
CA ARG A 29 -13.63 12.85 1.85
C ARG A 29 -13.44 13.88 0.76
N GLU A 30 -14.11 13.71 -0.38
CA GLU A 30 -14.03 14.71 -1.45
C GLU A 30 -15.02 15.81 -1.11
N HIS A 31 -14.58 17.07 -1.14
CA HIS A 31 -15.39 18.22 -0.78
C HIS A 31 -15.88 18.98 -2.01
N ARG A 32 -17.12 19.49 -1.94
CA ARG A 32 -17.82 20.24 -2.98
C ARG A 32 -17.03 21.44 -3.56
N ASP A 33 -16.18 22.09 -2.74
CA ASP A 33 -15.38 23.24 -3.21
C ASP A 33 -14.15 22.84 -4.06
N GLY A 34 -13.96 21.54 -4.31
CA GLY A 34 -12.83 21.01 -5.07
C GLY A 34 -11.48 21.28 -4.45
N GLY A 35 -11.47 21.45 -3.11
CA GLY A 35 -10.28 21.70 -2.32
C GLY A 35 -9.89 23.15 -2.09
N ASN A 36 -10.73 24.13 -2.49
CA ASN A 36 -10.42 25.55 -2.31
C ASN A 36 -10.09 25.93 -0.85
N ALA A 37 -10.92 25.47 0.11
CA ALA A 37 -10.74 25.80 1.52
C ALA A 37 -9.54 25.12 2.19
N GLY A 38 -9.50 23.78 2.14
CA GLY A 38 -8.50 22.98 2.84
C GLY A 38 -7.30 22.51 2.03
N GLY A 39 -7.36 22.63 0.70
CA GLY A 39 -6.29 22.19 -0.18
C GLY A 39 -6.63 20.92 -0.93
N ILE A 40 -5.76 20.54 -1.87
CA ILE A 40 -5.95 19.34 -2.70
C ILE A 40 -5.03 18.23 -2.17
N PHE A 41 -5.61 17.14 -1.69
CA PHE A 41 -4.87 16.00 -1.10
C PHE A 41 -5.73 14.77 -0.96
N ASN A 42 -5.07 13.60 -0.90
CA ASN A 42 -5.72 12.31 -0.70
C ASN A 42 -5.18 11.69 0.59
N ARG A 43 -4.15 12.30 1.20
CA ARG A 43 -3.49 11.74 2.38
C ARG A 43 -2.80 12.85 3.18
N TYR A 44 -2.52 12.59 4.46
CA TYR A 44 -1.72 13.51 5.27
C TYR A 44 -0.33 12.89 5.51
N ASN A 45 0.62 13.74 5.87
CA ASN A 45 1.88 13.28 6.42
C ASN A 45 1.76 13.68 7.91
N VAL A 46 1.56 12.69 8.81
CA VAL A 46 1.46 12.98 10.25
C VAL A 46 2.88 13.17 10.81
N ILE A 47 3.16 14.36 11.34
CA ILE A 47 4.48 14.75 11.92
C ILE A 47 4.59 14.28 13.38
N ARG A 48 3.56 14.50 14.19
N ARG A 48 3.55 14.59 14.19
CA ARG A 48 3.54 14.02 15.56
CA ARG A 48 3.54 14.32 15.63
C ARG A 48 2.12 14.00 16.08
C ARG A 48 2.11 14.16 16.16
N ILE A 49 1.92 13.33 17.20
CA ILE A 49 0.63 13.21 17.87
C ILE A 49 0.92 13.34 19.36
N GLN A 50 0.32 14.34 20.00
CA GLN A 50 0.54 14.57 21.42
C GLN A 50 -0.78 14.48 22.17
N LYS A 51 -0.73 13.98 23.39
CA LYS A 51 -1.88 13.89 24.26
C LYS A 51 -1.84 15.12 25.15
N VAL A 52 -2.97 15.83 25.24
CA VAL A 52 -3.12 17.05 26.02
C VAL A 52 -3.55 16.68 27.45
N VAL A 53 -2.73 17.07 28.43
CA VAL A 53 -3.04 16.79 29.83
C VAL A 53 -3.22 18.10 30.57
N ASN A 54 -4.40 18.29 31.14
CA ASN A 54 -4.69 19.49 31.92
C ASN A 54 -5.67 19.09 33.00
N LYS A 55 -5.20 19.06 34.25
CA LYS A 55 -6.00 18.65 35.39
C LYS A 55 -7.31 19.45 35.50
N LYS A 56 -7.21 20.81 35.46
CA LYS A 56 -8.40 21.68 35.60
C LYS A 56 -9.43 21.46 34.48
N LEU A 57 -8.96 21.41 33.22
CA LEU A 57 -9.84 21.17 32.05
C LEU A 57 -10.51 19.82 32.17
N ARG A 58 -9.73 18.78 32.52
CA ARG A 58 -10.25 17.42 32.69
C ARG A 58 -11.34 17.40 33.78
N GLU A 59 -11.11 18.08 34.93
CA GLU A 59 -12.10 18.11 36.01
C GLU A 59 -13.44 18.72 35.53
N ARG A 60 -13.39 19.87 34.82
CA ARG A 60 -14.59 20.52 34.29
C ARG A 60 -15.32 19.61 33.31
N PHE A 61 -14.57 18.93 32.44
CA PHE A 61 -15.14 18.01 31.44
C PHE A 61 -15.84 16.83 32.14
N CYS A 62 -15.15 16.19 33.10
N CYS A 62 -15.13 16.21 33.13
CA CYS A 62 -15.72 15.07 33.84
CA CYS A 62 -15.62 15.10 33.95
C CYS A 62 -16.96 15.44 34.70
C CYS A 62 -16.92 15.45 34.68
N HIS A 63 -16.95 16.64 35.29
CA HIS A 63 -18.13 17.08 36.05
C HIS A 63 -19.34 17.25 35.11
N ARG A 64 -19.11 17.83 33.94
CA ARG A 64 -20.21 18.04 32.97
C ARG A 64 -20.73 16.71 32.43
N GLN A 65 -19.82 15.72 32.25
CA GLN A 65 -20.22 14.38 31.82
C GLN A 65 -21.17 13.78 32.83
N LYS A 66 -20.90 13.98 34.13
CA LYS A 66 -21.79 13.49 35.20
C LYS A 66 -23.19 14.17 35.11
N GLU A 67 -23.24 15.50 34.92
CA GLU A 67 -24.52 16.22 34.81
C GLU A 67 -25.32 15.78 33.59
N VAL A 68 -24.66 15.65 32.42
CA VAL A 68 -25.34 15.23 31.18
C VAL A 68 -25.90 13.80 31.36
N SER A 69 -25.08 12.91 31.93
CA SER A 69 -25.41 11.49 32.20
C SER A 69 -26.70 11.40 33.02
N GLU A 70 -26.82 12.23 34.09
CA GLU A 70 -28.02 12.26 34.92
C GLU A 70 -29.27 12.66 34.13
N GLU A 71 -29.10 13.46 33.05
CA GLU A 71 -30.21 13.94 32.20
C GLU A 71 -30.40 13.11 30.92
N ASN A 72 -29.65 12.01 30.78
CA ASN A 72 -29.66 11.22 29.55
C ASN A 72 -29.59 9.73 29.86
N HIS A 73 -30.42 9.28 30.80
CA HIS A 73 -30.54 7.88 31.18
C HIS A 73 -29.21 7.19 31.53
N ASN A 74 -28.32 7.91 32.25
N ASN A 74 -28.34 7.88 32.30
CA ASN A 74 -27.03 7.47 32.75
CA ASN A 74 -27.03 7.42 32.77
C ASN A 74 -26.00 7.19 31.65
C ASN A 74 -26.03 7.14 31.62
N HIS A 75 -26.08 7.93 30.54
CA HIS A 75 -25.14 7.80 29.42
C HIS A 75 -24.65 9.18 29.03
N HIS A 76 -23.34 9.40 28.92
CA HIS A 76 -22.94 10.73 28.50
C HIS A 76 -22.88 10.83 26.96
N ASN A 77 -22.90 9.66 26.27
CA ASN A 77 -22.87 9.60 24.81
C ASN A 77 -21.70 10.41 24.25
N GLU A 78 -20.49 9.96 24.57
CA GLU A 78 -19.23 10.54 24.10
C GLU A 78 -18.85 10.01 22.71
N ARG A 79 -18.33 10.91 21.87
N ARG A 79 -18.35 10.91 21.84
CA ARG A 79 -17.83 10.54 20.55
CA ARG A 79 -17.87 10.54 20.50
C ARG A 79 -16.48 11.18 20.38
C ARG A 79 -16.54 11.24 20.24
N MET A 80 -15.58 10.53 19.61
CA MET A 80 -14.27 11.10 19.29
C MET A 80 -14.49 11.82 17.94
N LEU A 81 -14.22 13.13 17.90
CA LEU A 81 -14.46 13.93 16.70
C LEU A 81 -13.35 14.94 16.47
N PHE A 82 -13.18 15.32 15.21
CA PHE A 82 -12.13 16.29 14.84
C PHE A 82 -12.57 17.73 14.99
N HIS A 83 -11.60 18.62 15.19
CA HIS A 83 -11.85 20.06 15.28
C HIS A 83 -10.65 20.79 14.73
N GLY A 84 -10.94 21.70 13.79
CA GLY A 84 -9.95 22.58 13.15
C GLY A 84 -10.23 24.02 13.54
N SER A 85 -9.17 24.77 13.86
CA SER A 85 -9.33 26.15 14.31
C SER A 85 -7.98 26.88 14.29
N PRO A 86 -7.96 28.18 13.94
CA PRO A 86 -6.69 28.93 14.02
C PRO A 86 -6.30 29.25 15.49
N PHE A 87 -7.20 28.98 16.44
CA PHE A 87 -7.01 29.24 17.87
C PHE A 87 -6.75 27.97 18.69
N ILE A 88 -6.14 26.97 18.05
CA ILE A 88 -5.81 25.70 18.66
C ILE A 88 -4.89 25.90 19.90
N ASN A 89 -4.00 26.92 19.87
CA ASN A 89 -3.13 27.15 21.03
C ASN A 89 -3.90 27.57 22.28
N ALA A 90 -4.91 28.44 22.12
CA ALA A 90 -5.76 28.87 23.22
C ALA A 90 -6.58 27.68 23.73
N ILE A 91 -7.04 26.81 22.81
CA ILE A 91 -7.85 25.67 23.22
C ILE A 91 -7.08 24.69 24.10
N ILE A 92 -5.86 24.34 23.71
CA ILE A 92 -5.11 23.35 24.48
C ILE A 92 -4.67 23.88 25.85
N HIS A 93 -4.62 25.21 26.04
CA HIS A 93 -4.22 25.78 27.33
C HIS A 93 -5.40 26.18 28.20
N LYS A 94 -6.47 26.72 27.58
CA LYS A 94 -7.63 27.24 28.30
C LYS A 94 -8.92 26.44 28.12
N GLY A 95 -8.91 25.47 27.21
CA GLY A 95 -10.07 24.65 26.92
C GLY A 95 -10.95 25.27 25.87
N PHE A 96 -11.98 24.52 25.41
CA PHE A 96 -12.93 25.10 24.45
C PHE A 96 -13.74 26.17 25.18
N ASP A 97 -14.13 27.22 24.45
CA ASP A 97 -14.88 28.33 25.05
C ASP A 97 -15.99 28.84 24.16
N GLU A 98 -17.25 28.54 24.55
CA GLU A 98 -18.44 28.94 23.79
C GLU A 98 -18.57 30.47 23.70
N ARG A 99 -17.87 31.22 24.56
CA ARG A 99 -17.91 32.69 24.52
C ARG A 99 -17.27 33.25 23.21
N HIS A 100 -16.50 32.39 22.50
CA HIS A 100 -15.89 32.80 21.22
C HIS A 100 -16.80 32.37 20.04
N ALA A 101 -17.94 31.71 20.31
CA ALA A 101 -18.84 31.24 19.27
C ALA A 101 -19.84 32.33 18.90
N TYR A 102 -20.16 32.47 17.62
CA TYR A 102 -21.11 33.52 17.31
C TYR A 102 -22.28 32.97 16.49
N ILE A 103 -23.41 33.64 16.65
CA ILE A 103 -24.72 33.22 16.21
C ILE A 103 -24.88 33.00 14.70
N GLY A 104 -23.96 33.51 13.89
CA GLY A 104 -24.05 33.40 12.43
C GLY A 104 -23.86 32.02 11.80
N GLY A 105 -23.31 31.08 12.56
CA GLY A 105 -23.09 29.70 12.08
C GLY A 105 -24.36 28.98 11.68
N MET A 106 -24.24 27.91 10.87
CA MET A 106 -25.42 27.16 10.43
C MET A 106 -26.31 26.69 11.59
N PHE A 107 -25.69 26.35 12.72
CA PHE A 107 -26.42 25.89 13.89
C PHE A 107 -26.22 26.84 15.05
N GLY A 108 -25.94 28.09 14.71
CA GLY A 108 -25.79 29.17 15.67
C GLY A 108 -24.48 29.12 16.45
N ALA A 109 -24.52 29.68 17.66
CA ALA A 109 -23.35 29.94 18.49
C ALA A 109 -22.82 28.72 19.25
N GLY A 110 -22.43 27.71 18.48
CA GLY A 110 -21.88 26.50 19.04
C GLY A 110 -20.44 26.28 18.65
N ILE A 111 -19.90 25.17 19.16
CA ILE A 111 -18.56 24.68 18.86
C ILE A 111 -18.82 23.45 17.98
N TYR A 112 -18.21 23.46 16.79
CA TYR A 112 -18.51 22.49 15.74
C TYR A 112 -17.42 21.45 15.57
N PHE A 113 -17.84 20.19 15.36
CA PHE A 113 -16.92 19.05 15.19
C PHE A 113 -17.38 18.21 14.00
N ALA A 114 -16.44 17.43 13.45
CA ALA A 114 -16.68 16.57 12.30
C ALA A 114 -16.18 15.16 12.56
N GLU A 115 -16.85 14.15 11.96
CA GLU A 115 -16.30 12.81 12.07
C GLU A 115 -15.26 12.64 10.94
N ASN A 116 -15.22 13.58 9.98
CA ASN A 116 -14.27 13.51 8.84
C ASN A 116 -13.14 14.50 9.05
N SER A 117 -11.91 13.98 9.14
CA SER A 117 -10.78 14.92 9.35
C SER A 117 -10.64 16.00 8.26
N SER A 118 -10.97 15.65 6.98
CA SER A 118 -10.81 16.64 5.89
C SER A 118 -11.80 17.81 6.05
N LYS A 119 -12.93 17.59 6.76
CA LYS A 119 -13.86 18.70 7.03
C LYS A 119 -13.19 19.71 7.98
N SER A 120 -12.62 19.21 9.08
CA SER A 120 -11.94 20.03 10.06
C SER A 120 -10.68 20.72 9.49
N ASN A 121 -10.03 20.06 8.53
CA ASN A 121 -8.85 20.60 7.85
C ASN A 121 -9.20 21.91 7.11
N GLN A 122 -10.48 22.10 6.71
CA GLN A 122 -10.93 23.34 6.02
C GLN A 122 -10.90 24.58 6.93
N TYR A 123 -10.85 24.39 8.26
CA TYR A 123 -10.95 25.52 9.20
C TYR A 123 -9.69 25.81 9.99
N VAL A 124 -8.60 25.07 9.72
CA VAL A 124 -7.32 25.21 10.40
C VAL A 124 -6.74 26.64 10.25
N TYR A 125 -6.93 27.28 9.10
CA TYR A 125 -6.41 28.63 8.86
C TYR A 125 -7.50 29.74 8.91
N GLY A 126 -8.70 29.37 9.35
CA GLY A 126 -9.84 30.29 9.47
C GLY A 126 -11.00 30.02 8.54
N ILE A 127 -11.89 31.03 8.41
CA ILE A 127 -13.11 31.09 7.59
C ILE A 127 -12.79 30.83 6.10
N GLY A 128 -13.29 29.72 5.58
CA GLY A 128 -13.06 29.26 4.20
C GLY A 128 -11.59 28.98 3.91
N GLY A 129 -10.85 28.64 4.96
CA GLY A 129 -9.42 28.41 4.91
C GLY A 129 -8.61 29.69 5.00
N GLY A 130 -9.30 30.81 5.27
CA GLY A 130 -8.71 32.15 5.39
C GLY A 130 -7.80 32.50 4.22
N THR A 131 -6.59 33.02 4.53
CA THR A 131 -5.57 33.32 3.53
C THR A 131 -4.53 32.18 3.48
N GLY A 132 -4.82 31.06 4.13
CA GLY A 132 -3.92 29.90 4.15
C GLY A 132 -2.81 30.04 5.16
N CYS A 133 -1.71 29.29 4.95
CA CYS A 133 -0.55 29.29 5.85
C CYS A 133 0.04 30.70 6.12
N PRO A 134 0.49 30.98 7.36
CA PRO A 134 1.09 32.31 7.65
C PRO A 134 2.32 32.71 6.80
N THR A 135 3.18 31.74 6.43
CA THR A 135 4.42 32.01 5.69
C THR A 135 4.23 32.22 4.18
N HIS A 136 3.40 31.40 3.51
CA HIS A 136 3.25 31.45 2.04
C HIS A 136 1.88 31.91 1.55
N LYS A 137 0.90 32.11 2.48
CA LYS A 137 -0.46 32.56 2.13
C LYS A 137 -1.12 31.61 1.08
N ASP A 138 -0.91 30.29 1.29
CA ASP A 138 -1.36 29.22 0.42
C ASP A 138 -2.27 28.29 1.22
N ARG A 139 -3.56 28.21 0.82
CA ARG A 139 -4.57 27.34 1.45
C ARG A 139 -4.25 25.86 1.16
N SER A 140 -3.48 25.58 0.08
CA SER A 140 -3.09 24.22 -0.26
C SER A 140 -1.60 24.00 -0.03
N CYS A 141 -1.00 24.76 0.93
CA CYS A 141 0.42 24.61 1.23
C CYS A 141 0.73 23.18 1.69
N TYR A 142 1.76 22.59 1.07
CA TYR A 142 2.24 21.23 1.32
C TYR A 142 3.50 21.24 2.17
N ILE A 143 3.93 22.43 2.59
CA ILE A 143 5.15 22.59 3.38
C ILE A 143 4.85 22.80 4.85
N CYS A 144 4.09 23.86 5.16
CA CYS A 144 3.81 24.27 6.50
C CYS A 144 3.04 23.24 7.30
N HIS A 145 3.43 23.11 8.57
CA HIS A 145 2.84 22.20 9.54
C HIS A 145 1.51 22.75 9.99
N ARG A 146 0.44 21.96 9.82
CA ARG A 146 -0.90 22.33 10.27
C ARG A 146 -1.15 21.56 11.57
N GLN A 147 -2.12 22.00 12.33
CA GLN A 147 -2.51 21.26 13.54
C GLN A 147 -4.02 21.11 13.61
N MET A 148 -4.50 19.98 14.14
CA MET A 148 -5.93 19.80 14.38
C MET A 148 -6.07 18.98 15.65
N LEU A 149 -7.26 18.98 16.24
CA LEU A 149 -7.52 18.24 17.46
C LEU A 149 -8.42 17.06 17.17
N PHE A 150 -8.23 15.99 17.92
CA PHE A 150 -9.13 14.83 17.86
C PHE A 150 -9.59 14.77 19.34
N CYS A 151 -10.88 15.12 19.56
CA CYS A 151 -11.47 15.44 20.83
C CYS A 151 -12.47 14.45 21.35
N ARG A 152 -12.58 14.38 22.68
CA ARG A 152 -13.66 13.63 23.34
C ARG A 152 -14.81 14.68 23.40
N VAL A 153 -15.95 14.34 22.82
CA VAL A 153 -17.11 15.23 22.76
C VAL A 153 -18.31 14.60 23.45
N THR A 154 -18.81 15.25 24.51
CA THR A 154 -19.99 14.80 25.24
C THR A 154 -21.20 15.31 24.49
N LEU A 155 -21.97 14.39 23.86
CA LEU A 155 -23.16 14.79 23.13
C LEU A 155 -24.45 14.68 23.91
N GLY A 156 -24.50 13.82 24.93
CA GLY A 156 -25.74 13.59 25.68
C GLY A 156 -26.90 13.29 24.73
N LYS A 157 -28.05 13.93 24.98
CA LYS A 157 -29.22 13.79 24.10
C LYS A 157 -29.06 14.77 22.92
N SER A 158 -28.85 14.23 21.71
CA SER A 158 -28.66 15.05 20.51
C SER A 158 -29.98 15.39 19.83
N PHE A 159 -30.09 16.64 19.38
CA PHE A 159 -31.25 17.12 18.62
C PHE A 159 -30.85 17.04 17.13
N LEU A 160 -31.57 16.20 16.37
CA LEU A 160 -31.26 16.01 14.94
C LEU A 160 -31.88 17.14 14.14
N GLN A 161 -31.06 17.77 13.32
CA GLN A 161 -31.46 18.93 12.53
C GLN A 161 -30.96 18.80 11.10
N PHE A 162 -31.82 19.10 10.11
CA PHE A 162 -31.46 18.98 8.69
C PHE A 162 -31.16 20.32 8.02
N SER A 163 -31.79 21.39 8.46
CA SER A 163 -31.57 22.70 7.84
C SER A 163 -31.06 23.71 8.87
N THR A 164 -30.69 24.92 8.41
CA THR A 164 -30.21 26.00 9.28
C THR A 164 -31.13 26.24 10.48
N MET A 165 -30.54 26.36 11.68
CA MET A 165 -31.30 26.62 12.90
C MET A 165 -30.31 27.36 13.81
N LYS A 166 -30.34 28.72 13.78
CA LYS A 166 -29.38 29.56 14.48
C LYS A 166 -29.67 29.63 16.01
N MET A 167 -29.14 28.68 16.75
N MET A 167 -29.17 28.60 16.75
CA MET A 167 -29.37 28.60 18.19
CA MET A 167 -29.34 28.35 18.21
C MET A 167 -28.34 29.33 19.00
C MET A 167 -28.32 29.13 19.07
N ALA A 168 -28.77 29.75 20.19
CA ALA A 168 -27.83 30.38 21.12
C ALA A 168 -27.33 29.29 22.08
N HIS A 169 -28.21 28.29 22.37
CA HIS A 169 -27.92 27.20 23.31
C HIS A 169 -28.52 25.93 22.72
N ALA A 170 -28.25 24.76 23.33
CA ALA A 170 -28.82 23.50 22.85
C ALA A 170 -30.34 23.60 22.98
N PRO A 171 -31.11 22.94 22.11
CA PRO A 171 -32.57 22.98 22.24
C PRO A 171 -33.03 22.44 23.59
N PRO A 172 -34.18 22.91 24.09
CA PRO A 172 -34.73 22.39 25.36
C PRO A 172 -34.68 20.86 25.44
N GLY A 173 -34.25 20.38 26.60
CA GLY A 173 -34.11 18.96 26.93
C GLY A 173 -33.04 18.21 26.17
N HIS A 174 -32.14 18.93 25.44
CA HIS A 174 -31.06 18.32 24.67
C HIS A 174 -29.71 18.89 25.09
N HIS A 175 -28.62 18.22 24.71
CA HIS A 175 -27.24 18.63 25.08
C HIS A 175 -26.34 18.94 23.89
N SER A 176 -26.82 18.64 22.68
CA SER A 176 -26.07 18.89 21.46
C SER A 176 -27.04 18.92 20.27
N VAL A 177 -26.52 19.36 19.14
CA VAL A 177 -27.25 19.36 17.88
C VAL A 177 -26.40 18.58 16.91
N ILE A 178 -27.04 17.69 16.14
N ILE A 178 -27.01 17.70 16.11
CA ILE A 178 -26.38 16.98 15.04
CA ILE A 178 -26.26 17.02 15.06
C ILE A 178 -27.02 17.47 13.75
C ILE A 178 -26.93 17.34 13.73
N GLY A 179 -26.21 18.09 12.90
CA GLY A 179 -26.64 18.53 11.59
C GLY A 179 -26.47 17.32 10.71
N ARG A 180 -27.59 16.70 10.35
CA ARG A 180 -27.55 15.47 9.56
C ARG A 180 -27.48 15.77 8.04
N PRO A 181 -26.80 14.92 7.26
CA PRO A 181 -26.77 15.13 5.80
C PRO A 181 -28.16 15.03 5.17
N SER A 182 -28.38 15.79 4.09
CA SER A 182 -29.65 15.77 3.35
C SER A 182 -29.38 16.12 1.88
N VAL A 183 -30.26 15.65 0.96
CA VAL A 183 -30.10 15.91 -0.49
C VAL A 183 -29.85 17.40 -0.76
N ASN A 184 -30.71 18.29 -0.22
CA ASN A 184 -30.62 19.74 -0.41
C ASN A 184 -29.84 20.50 0.69
N GLY A 185 -29.20 19.78 1.61
CA GLY A 185 -28.43 20.39 2.67
C GLY A 185 -27.01 19.88 2.76
N LEU A 186 -26.59 19.47 3.97
CA LEU A 186 -25.24 18.99 4.25
C LEU A 186 -24.88 17.72 3.50
N ALA A 187 -23.61 17.63 3.07
CA ALA A 187 -23.07 16.41 2.48
C ALA A 187 -22.63 15.47 3.62
N TYR A 188 -22.13 16.05 4.74
CA TYR A 188 -21.63 15.30 5.90
C TYR A 188 -22.19 15.82 7.21
N ALA A 189 -22.29 14.92 8.20
CA ALA A 189 -22.81 15.28 9.52
C ALA A 189 -21.87 16.24 10.25
N GLU A 190 -22.44 17.16 11.03
CA GLU A 190 -21.65 17.99 11.91
C GLU A 190 -22.26 17.93 13.29
N TYR A 191 -21.41 17.99 14.30
CA TYR A 191 -21.79 17.83 15.71
C TYR A 191 -21.54 19.13 16.40
N VAL A 192 -22.57 19.61 17.12
CA VAL A 192 -22.48 20.93 17.71
C VAL A 192 -22.82 20.93 19.21
N ILE A 193 -21.95 21.57 19.99
CA ILE A 193 -22.16 21.76 21.43
C ILE A 193 -22.20 23.22 21.75
N TYR A 194 -22.83 23.59 22.88
CA TYR A 194 -22.98 25.00 23.18
C TYR A 194 -22.32 25.39 24.49
N ARG A 195 -21.50 24.45 25.04
CA ARG A 195 -20.74 24.61 26.28
C ARG A 195 -19.38 24.07 26.05
N GLY A 196 -18.38 24.91 26.29
CA GLY A 196 -17.00 24.47 26.14
C GLY A 196 -16.62 23.21 26.93
N GLU A 197 -17.21 23.02 28.14
CA GLU A 197 -16.87 21.86 28.98
C GLU A 197 -17.42 20.52 28.41
N GLN A 198 -18.17 20.57 27.30
CA GLN A 198 -18.63 19.35 26.64
C GLN A 198 -17.63 18.82 25.61
N ALA A 199 -16.40 19.37 25.56
CA ALA A 199 -15.37 18.78 24.71
C ALA A 199 -14.04 18.88 25.40
N TYR A 200 -13.24 17.84 25.26
CA TYR A 200 -11.88 17.79 25.79
C TYR A 200 -10.92 17.66 24.59
N PRO A 201 -9.92 18.57 24.45
CA PRO A 201 -8.98 18.48 23.31
C PRO A 201 -7.94 17.37 23.56
N GLU A 202 -8.37 16.12 23.46
CA GLU A 202 -7.56 14.98 23.84
C GLU A 202 -6.24 14.86 23.08
N TYR A 203 -6.29 14.94 21.74
CA TYR A 203 -5.08 14.75 20.92
C TYR A 203 -4.81 15.94 20.05
N LEU A 204 -3.56 16.36 20.03
CA LEU A 204 -3.05 17.44 19.20
C LEU A 204 -2.24 16.77 18.08
N ILE A 205 -2.73 16.88 16.85
CA ILE A 205 -2.10 16.26 15.70
C ILE A 205 -1.41 17.34 14.90
N THR A 206 -0.12 17.15 14.64
CA THR A 206 0.67 18.07 13.80
C THR A 206 0.90 17.32 12.48
N TYR A 207 0.57 17.93 11.35
CA TYR A 207 0.61 17.22 10.07
C TYR A 207 0.82 18.16 8.89
N GLN A 208 1.00 17.56 7.72
CA GLN A 208 0.99 18.27 6.47
C GLN A 208 -0.03 17.55 5.60
N ILE A 209 -0.62 18.27 4.65
CA ILE A 209 -1.40 17.63 3.59
C ILE A 209 -0.35 17.23 2.53
N MET A 210 -0.62 16.19 1.79
CA MET A 210 0.32 15.70 0.77
C MET A 210 -0.21 15.94 -0.65
N LYS A 211 0.70 16.31 -1.58
CA LYS A 211 0.37 16.52 -3.00
C LYS A 211 -0.05 15.17 -3.64
N PRO A 212 -1.25 15.07 -4.28
CA PRO A 212 -1.66 13.78 -4.90
C PRO A 212 -0.70 13.21 -5.96
N GLY B 4 30.68 -3.74 5.35
CA GLY B 4 29.92 -2.68 4.73
C GLY B 4 29.93 -1.33 5.44
N THR B 5 29.24 -0.36 4.85
CA THR B 5 29.14 0.99 5.39
C THR B 5 28.20 1.04 6.59
N ILE B 6 28.60 1.80 7.62
CA ILE B 6 27.83 2.13 8.81
C ILE B 6 27.57 3.64 8.75
N LEU B 7 26.30 4.07 8.97
CA LEU B 7 25.92 5.48 9.03
C LEU B 7 25.69 5.87 10.48
N LEU B 8 26.53 6.76 11.01
CA LEU B 8 26.42 7.23 12.39
C LEU B 8 25.61 8.53 12.38
N ASP B 9 24.53 8.59 13.15
CA ASP B 9 23.74 9.81 13.22
C ASP B 9 24.39 10.84 14.10
N LEU B 10 24.55 12.06 13.58
CA LEU B 10 25.08 13.15 14.40
C LEU B 10 23.93 13.85 15.10
N ALA B 11 24.09 14.18 16.37
CA ALA B 11 23.03 14.85 17.11
C ALA B 11 23.04 16.38 16.82
N PRO B 12 21.85 17.01 16.62
CA PRO B 12 21.82 18.46 16.33
C PRO B 12 22.47 19.36 17.37
N GLU B 13 22.64 18.87 18.63
CA GLU B 13 23.24 19.60 19.73
C GLU B 13 24.77 19.56 19.66
N ASP B 14 25.32 18.60 18.91
CA ASP B 14 26.75 18.42 18.82
C ASP B 14 27.44 19.43 17.88
N LYS B 15 28.62 19.92 18.29
CA LYS B 15 29.42 20.88 17.51
C LYS B 15 29.65 20.37 16.06
N GLU B 16 29.90 19.07 15.91
CA GLU B 16 30.17 18.48 14.60
C GLU B 16 28.99 18.68 13.63
N TYR B 17 27.77 18.39 14.08
CA TYR B 17 26.57 18.61 13.29
C TYR B 17 26.46 20.10 12.95
N GLN B 18 26.62 20.95 13.98
CA GLN B 18 26.44 22.40 13.82
C GLN B 18 27.44 22.98 12.84
N SER B 19 28.66 22.42 12.84
CA SER B 19 29.75 22.86 11.93
C SER B 19 29.40 22.49 10.51
N VAL B 20 28.99 21.23 10.27
CA VAL B 20 28.62 20.80 8.92
C VAL B 20 27.42 21.67 8.41
N GLU B 21 26.39 21.85 9.24
CA GLU B 21 25.22 22.63 8.81
C GLU B 21 25.62 24.07 8.45
N GLU B 22 26.48 24.71 9.27
CA GLU B 22 26.86 26.11 8.97
C GLU B 22 27.72 26.20 7.71
N GLU B 23 28.57 25.18 7.42
CA GLU B 23 29.30 25.19 6.14
C GLU B 23 28.31 25.12 4.97
N MET B 24 27.30 24.29 5.12
CA MET B 24 26.28 24.12 4.07
C MET B 24 25.42 25.40 3.92
N GLN B 25 24.87 25.92 5.02
CA GLN B 25 23.99 27.10 4.94
C GLN B 25 24.72 28.36 4.48
N SER B 26 25.98 28.54 4.93
CA SER B 26 26.72 29.77 4.67
C SER B 26 27.27 29.90 3.25
N THR B 27 27.33 28.78 2.50
CA THR B 27 27.90 28.76 1.17
C THR B 27 26.84 28.78 0.06
N ILE B 28 25.59 29.16 0.40
CA ILE B 28 24.55 29.37 -0.60
C ILE B 28 24.90 30.67 -1.31
N ARG B 29 25.04 30.62 -2.63
CA ARG B 29 25.37 31.82 -3.39
C ARG B 29 24.30 32.13 -4.45
N GLU B 30 24.33 33.36 -5.03
CA GLU B 30 23.38 33.79 -6.06
C GLU B 30 23.65 33.15 -7.44
N ALA B 37 17.80 25.68 -11.93
CA ALA B 37 18.43 24.36 -11.91
C ALA B 37 18.23 23.62 -10.57
N GLY B 38 18.65 24.25 -9.48
CA GLY B 38 18.55 23.68 -8.14
C GLY B 38 17.36 24.16 -7.32
N GLY B 39 16.56 25.05 -7.92
CA GLY B 39 15.38 25.62 -7.28
C GLY B 39 15.61 27.04 -6.79
N ILE B 40 14.55 27.66 -6.25
CA ILE B 40 14.60 29.02 -5.70
C ILE B 40 14.61 28.91 -4.18
N PHE B 41 15.69 29.39 -3.55
CA PHE B 41 15.84 29.31 -2.08
C PHE B 41 16.97 30.18 -1.60
N ASN B 42 16.97 30.52 -0.30
CA ASN B 42 18.02 31.30 0.35
C ASN B 42 18.53 30.49 1.57
N ARG B 43 17.86 29.38 1.85
CA ARG B 43 18.15 28.58 3.04
C ARG B 43 17.76 27.13 2.83
N TYR B 44 18.37 26.20 3.60
CA TYR B 44 17.96 24.79 3.59
C TYR B 44 17.25 24.47 4.90
N ASN B 45 16.48 23.38 4.93
CA ASN B 45 15.95 22.80 6.14
C ASN B 45 16.77 21.49 6.26
N VAL B 46 17.74 21.43 7.19
CA VAL B 46 18.55 20.23 7.38
C VAL B 46 17.76 19.19 8.22
N ILE B 47 17.51 18.01 7.67
CA ILE B 47 16.72 16.94 8.32
C ILE B 47 17.61 16.03 9.18
N ARG B 48 18.80 15.65 8.66
CA ARG B 48 19.75 14.87 9.43
C ARG B 48 21.11 14.95 8.76
N ILE B 49 22.13 14.62 9.53
CA ILE B 49 23.51 14.57 9.06
C ILE B 49 24.08 13.30 9.66
N GLN B 50 24.58 12.43 8.78
CA GLN B 50 25.19 11.14 9.15
C GLN B 50 26.64 11.09 8.70
N LYS B 51 27.48 10.46 9.54
CA LYS B 51 28.89 10.26 9.22
C LYS B 51 29.02 8.86 8.60
N VAL B 52 29.66 8.77 7.43
CA VAL B 52 29.87 7.53 6.68
C VAL B 52 31.13 6.81 7.22
N VAL B 53 30.95 5.58 7.71
CA VAL B 53 32.07 4.80 8.27
C VAL B 53 32.26 3.54 7.42
N ASN B 54 33.38 3.47 6.72
CA ASN B 54 33.67 2.29 5.88
C ASN B 54 35.17 2.07 5.92
N LYS B 55 35.57 0.96 6.55
CA LYS B 55 36.98 0.59 6.71
C LYS B 55 37.74 0.49 5.39
N LYS B 56 37.14 -0.20 4.38
CA LYS B 56 37.81 -0.41 3.07
C LYS B 56 37.96 0.89 2.30
N LEU B 57 36.93 1.73 2.33
CA LEU B 57 36.95 3.04 1.67
C LEU B 57 37.98 3.94 2.29
N ARG B 58 38.05 3.95 3.64
CA ARG B 58 39.04 4.74 4.36
C ARG B 58 40.46 4.30 4.02
N GLU B 59 40.72 2.97 3.95
CA GLU B 59 42.06 2.47 3.62
C GLU B 59 42.53 2.96 2.24
N ARG B 60 41.66 2.86 1.23
CA ARG B 60 41.98 3.25 -0.15
C ARG B 60 42.31 4.75 -0.22
N PHE B 61 41.50 5.56 0.46
CA PHE B 61 41.64 7.02 0.51
C PHE B 61 42.95 7.39 1.22
N CYS B 62 43.21 6.80 2.39
CA CYS B 62 44.44 7.01 3.16
C CYS B 62 45.70 6.53 2.40
N HIS B 63 45.63 5.41 1.65
CA HIS B 63 46.80 5.00 0.88
C HIS B 63 47.12 6.03 -0.23
N ARG B 64 46.08 6.54 -0.90
CA ARG B 64 46.24 7.49 -2.00
C ARG B 64 46.79 8.82 -1.49
N GLN B 65 46.42 9.20 -0.26
CA GLN B 65 46.92 10.43 0.35
C GLN B 65 48.43 10.33 0.53
N LYS B 66 48.93 9.13 0.88
CA LYS B 66 50.38 8.88 1.02
C LYS B 66 51.10 9.04 -0.29
N GLU B 67 50.56 8.47 -1.41
CA GLU B 67 51.14 8.59 -2.75
C GLU B 67 51.16 10.06 -3.20
N VAL B 68 50.02 10.78 -3.02
CA VAL B 68 49.90 12.18 -3.44
C VAL B 68 50.91 13.07 -2.67
N SER B 69 50.98 12.88 -1.35
CA SER B 69 51.85 13.61 -0.43
C SER B 69 53.32 13.44 -0.86
N GLU B 70 53.72 12.25 -1.33
CA GLU B 70 55.10 11.99 -1.80
C GLU B 70 55.42 12.77 -3.08
N GLU B 71 54.40 13.08 -3.91
CA GLU B 71 54.54 13.82 -5.17
C GLU B 71 54.22 15.32 -5.02
N ASN B 72 53.94 15.76 -3.79
CA ASN B 72 53.51 17.13 -3.50
C ASN B 72 54.18 17.66 -2.21
N HIS B 73 55.51 17.51 -2.12
CA HIS B 73 56.33 17.99 -0.98
C HIS B 73 55.77 17.67 0.43
N ASN B 74 55.30 16.43 0.65
CA ASN B 74 54.77 15.90 1.92
C ASN B 74 53.44 16.57 2.38
N HIS B 75 52.61 17.01 1.42
CA HIS B 75 51.29 17.58 1.69
C HIS B 75 50.24 16.97 0.75
N HIS B 76 49.18 16.44 1.30
CA HIS B 76 48.15 15.89 0.40
C HIS B 76 47.13 16.96 -0.02
N ASN B 77 47.15 18.14 0.65
CA ASN B 77 46.30 19.29 0.32
C ASN B 77 44.81 18.87 0.27
N GLU B 78 44.30 18.41 1.41
CA GLU B 78 42.92 18.02 1.59
C GLU B 78 42.01 19.25 1.81
N ARG B 79 40.80 19.19 1.24
N ARG B 79 40.80 19.22 1.23
CA ARG B 79 39.78 20.24 1.40
CA ARG B 79 39.79 20.27 1.41
C ARG B 79 38.44 19.57 1.65
C ARG B 79 38.43 19.61 1.59
N MET B 80 37.56 20.21 2.43
CA MET B 80 36.20 19.69 2.65
C MET B 80 35.34 20.35 1.57
N LEU B 81 34.66 19.57 0.73
CA LEU B 81 33.92 20.13 -0.40
C LEU B 81 32.62 19.36 -0.60
N PHE B 82 31.64 20.02 -1.20
CA PHE B 82 30.33 19.39 -1.42
C PHE B 82 30.29 18.58 -2.72
N HIS B 83 29.40 17.61 -2.74
CA HIS B 83 29.14 16.81 -3.93
C HIS B 83 27.67 16.44 -4.00
N GLY B 84 27.05 16.80 -5.10
CA GLY B 84 25.66 16.45 -5.41
C GLY B 84 25.63 15.38 -6.47
N SER B 85 24.74 14.36 -6.33
CA SER B 85 24.64 13.28 -7.31
C SER B 85 23.38 12.43 -7.09
N PRO B 86 22.71 11.95 -8.16
CA PRO B 86 21.57 11.03 -7.94
C PRO B 86 22.05 9.62 -7.54
N PHE B 87 23.37 9.39 -7.58
CA PHE B 87 24.00 8.10 -7.26
C PHE B 87 24.72 8.11 -5.90
N ILE B 88 24.19 8.91 -4.98
CA ILE B 88 24.69 9.06 -3.62
C ILE B 88 24.68 7.71 -2.85
N ASN B 89 23.68 6.82 -3.08
CA ASN B 89 23.66 5.53 -2.38
C ASN B 89 24.80 4.63 -2.80
N ALA B 90 25.15 4.61 -4.10
CA ALA B 90 26.30 3.84 -4.60
C ALA B 90 27.60 4.41 -4.01
N ILE B 91 27.71 5.75 -3.94
CA ILE B 91 28.93 6.37 -3.39
C ILE B 91 29.16 6.01 -1.93
N ILE B 92 28.13 6.06 -1.09
CA ILE B 92 28.36 5.80 0.33
C ILE B 92 28.65 4.33 0.63
N HIS B 93 28.27 3.41 -0.25
CA HIS B 93 28.53 1.98 -0.06
C HIS B 93 29.78 1.50 -0.80
N LYS B 94 30.05 2.05 -2.00
CA LYS B 94 31.16 1.60 -2.85
C LYS B 94 32.29 2.60 -3.04
N GLY B 95 32.07 3.85 -2.63
CA GLY B 95 33.04 4.91 -2.76
C GLY B 95 32.90 5.63 -4.08
N PHE B 96 33.62 6.74 -4.26
CA PHE B 96 33.57 7.44 -5.54
C PHE B 96 34.24 6.55 -6.59
N ASP B 97 33.79 6.66 -7.84
CA ASP B 97 34.30 5.81 -8.92
C ASP B 97 34.42 6.56 -10.22
N GLU B 98 35.67 6.84 -10.65
CA GLU B 98 35.94 7.55 -11.89
C GLU B 98 35.43 6.80 -13.13
N ARG B 99 35.14 5.49 -13.02
CA ARG B 99 34.62 4.70 -14.14
C ARG B 99 33.20 5.16 -14.55
N HIS B 100 32.53 5.96 -13.68
CA HIS B 100 31.21 6.53 -13.99
C HIS B 100 31.34 7.97 -14.56
N ALA B 101 32.59 8.48 -14.68
CA ALA B 101 32.88 9.82 -15.18
C ALA B 101 33.22 9.76 -16.66
N TYR B 102 32.57 10.62 -17.47
CA TYR B 102 32.76 10.64 -18.92
C TYR B 102 33.30 12.01 -19.42
N ILE B 103 33.95 11.97 -20.58
CA ILE B 103 34.74 13.07 -21.15
C ILE B 103 33.97 14.39 -21.44
N GLY B 104 32.65 14.34 -21.57
CA GLY B 104 31.80 15.49 -21.92
C GLY B 104 31.79 16.71 -21.02
N GLY B 105 32.17 16.55 -19.75
CA GLY B 105 32.19 17.65 -18.77
C GLY B 105 33.14 18.78 -19.11
N MET B 106 32.95 19.95 -18.46
CA MET B 106 33.81 21.12 -18.73
C MET B 106 35.30 20.81 -18.53
N PHE B 107 35.61 19.96 -17.55
CA PHE B 107 37.00 19.57 -17.29
C PHE B 107 37.22 18.07 -17.57
N GLY B 108 36.37 17.52 -18.42
CA GLY B 108 36.45 16.12 -18.82
C GLY B 108 35.97 15.12 -17.78
N ALA B 109 36.51 13.89 -17.89
CA ALA B 109 36.09 12.72 -17.13
C ALA B 109 36.57 12.69 -15.68
N GLY B 110 36.12 13.69 -14.93
CA GLY B 110 36.45 13.77 -13.52
C GLY B 110 35.25 13.68 -12.60
N ILE B 111 35.54 13.75 -11.31
CA ILE B 111 34.59 13.80 -10.23
C ILE B 111 34.70 15.23 -9.69
N TYR B 112 33.57 15.95 -9.73
CA TYR B 112 33.48 17.37 -9.48
C TYR B 112 32.92 17.73 -8.12
N PHE B 113 33.57 18.70 -7.48
CA PHE B 113 33.21 19.16 -6.13
C PHE B 113 33.14 20.67 -6.12
N ALA B 114 32.33 21.21 -5.20
CA ALA B 114 32.12 22.66 -5.05
C ALA B 114 32.41 23.10 -3.64
N GLU B 115 32.88 24.35 -3.47
CA GLU B 115 33.06 24.92 -2.14
C GLU B 115 31.68 25.48 -1.70
N ASN B 116 30.76 25.67 -2.66
CA ASN B 116 29.43 26.22 -2.40
C ASN B 116 28.37 25.14 -2.45
N SER B 117 27.67 24.92 -1.33
CA SER B 117 26.62 23.88 -1.32
C SER B 117 25.55 24.07 -2.42
N SER B 118 25.18 25.35 -2.71
CA SER B 118 24.16 25.64 -3.73
C SER B 118 24.57 25.15 -5.14
N LYS B 119 25.89 25.07 -5.42
CA LYS B 119 26.33 24.54 -6.71
C LYS B 119 26.07 23.02 -6.75
N SER B 120 26.44 22.30 -5.68
CA SER B 120 26.21 20.86 -5.61
C SER B 120 24.71 20.52 -5.59
N ASN B 121 23.89 21.41 -5.03
CA ASN B 121 22.42 21.23 -4.95
C ASN B 121 21.81 21.11 -6.36
N GLN B 122 22.47 21.70 -7.38
CA GLN B 122 22.00 21.60 -8.77
C GLN B 122 22.02 20.19 -9.37
N TYR B 123 22.80 19.28 -8.77
CA TYR B 123 23.04 17.94 -9.33
C TYR B 123 22.50 16.77 -8.55
N VAL B 124 21.68 17.02 -7.53
CA VAL B 124 21.16 15.98 -6.65
C VAL B 124 20.14 15.03 -7.35
N TYR B 125 19.44 15.50 -8.41
CA TYR B 125 18.46 14.66 -9.11
C TYR B 125 18.97 14.14 -10.45
N GLY B 126 19.96 14.83 -11.00
CA GLY B 126 20.61 14.52 -12.26
C GLY B 126 21.92 15.27 -12.30
N ILE B 127 22.98 14.64 -12.81
CA ILE B 127 24.34 15.23 -12.83
C ILE B 127 24.86 15.66 -14.28
N GLY B 128 24.10 16.36 -15.13
CA GLY B 128 22.72 16.82 -15.00
C GLY B 128 22.63 18.33 -14.92
N GLY B 129 21.84 18.80 -13.95
CA GLY B 129 21.57 20.21 -13.72
C GLY B 129 20.10 20.53 -13.70
N GLY B 130 19.41 20.20 -14.79
CA GLY B 130 17.98 20.46 -14.94
C GLY B 130 17.04 19.30 -14.66
N THR B 131 17.34 18.50 -13.62
CA THR B 131 16.47 17.37 -13.26
C THR B 131 15.70 17.66 -11.97
N GLY B 132 14.39 17.38 -12.01
CA GLY B 132 13.49 17.56 -10.88
C GLY B 132 13.34 16.32 -10.03
N CYS B 133 12.66 16.46 -8.87
CA CYS B 133 12.42 15.34 -7.94
C CYS B 133 11.67 14.17 -8.62
N PRO B 134 11.95 12.89 -8.26
CA PRO B 134 11.26 11.78 -8.93
C PRO B 134 9.73 11.73 -8.76
N THR B 135 9.21 12.16 -7.59
CA THR B 135 7.79 12.11 -7.24
C THR B 135 6.93 13.20 -7.91
N HIS B 136 7.41 14.45 -7.96
CA HIS B 136 6.63 15.55 -8.53
C HIS B 136 7.21 16.13 -9.82
N LYS B 137 8.43 15.69 -10.22
CA LYS B 137 9.14 16.17 -11.42
C LYS B 137 9.31 17.70 -11.37
N ASP B 138 9.61 18.21 -10.15
CA ASP B 138 9.78 19.63 -9.86
C ASP B 138 11.22 19.92 -9.44
N ARG B 139 11.93 20.72 -10.25
CA ARG B 139 13.33 21.11 -10.02
C ARG B 139 13.48 21.97 -8.76
N SER B 140 12.37 22.63 -8.33
CA SER B 140 12.33 23.48 -7.15
C SER B 140 11.43 22.89 -6.08
N CYS B 141 11.33 21.55 -6.00
CA CYS B 141 10.48 20.92 -5.00
C CYS B 141 10.90 21.26 -3.57
N TYR B 142 9.91 21.70 -2.77
CA TYR B 142 10.09 22.05 -1.36
C TYR B 142 9.70 20.94 -0.40
N ILE B 143 9.21 19.82 -0.94
CA ILE B 143 8.73 18.71 -0.15
C ILE B 143 9.73 17.58 -0.07
N CYS B 144 10.19 17.13 -1.25
CA CYS B 144 11.06 15.96 -1.34
C CYS B 144 12.41 16.19 -0.66
N HIS B 145 12.86 15.15 0.05
CA HIS B 145 14.14 15.11 0.76
C HIS B 145 15.24 14.97 -0.29
N ARG B 146 16.26 15.81 -0.19
CA ARG B 146 17.41 15.78 -1.09
C ARG B 146 18.58 15.29 -0.24
N GLN B 147 19.60 14.77 -0.90
CA GLN B 147 20.79 14.41 -0.14
C GLN B 147 21.99 14.96 -0.84
N MET B 148 22.98 15.40 -0.07
CA MET B 148 24.27 15.80 -0.65
C MET B 148 25.37 15.33 0.29
N LEU B 149 26.59 15.25 -0.25
CA LEU B 149 27.73 14.81 0.53
C LEU B 149 28.63 15.99 0.82
N PHE B 150 29.24 15.98 1.99
CA PHE B 150 30.30 16.94 2.38
C PHE B 150 31.53 16.02 2.58
N CYS B 151 32.51 16.13 1.66
CA CYS B 151 33.60 15.20 1.47
C CYS B 151 34.96 15.71 1.79
N ARG B 152 35.85 14.79 2.14
CA ARG B 152 37.29 15.07 2.25
C ARG B 152 37.80 14.81 0.85
N VAL B 153 38.44 15.82 0.23
CA VAL B 153 38.95 15.72 -1.15
C VAL B 153 40.47 15.96 -1.15
N THR B 154 41.23 14.99 -1.68
CA THR B 154 42.70 15.09 -1.78
C THR B 154 43.02 15.78 -3.09
N LEU B 155 43.50 17.06 -3.01
CA LEU B 155 43.78 17.78 -4.24
C LEU B 155 45.20 17.67 -4.72
N GLY B 156 46.12 17.43 -3.79
CA GLY B 156 47.55 17.41 -4.09
C GLY B 156 47.93 18.69 -4.81
N LYS B 157 48.68 18.55 -5.92
CA LYS B 157 49.10 19.65 -6.77
C LYS B 157 48.00 19.93 -7.78
N SER B 158 47.28 21.05 -7.59
CA SER B 158 46.19 21.42 -8.48
C SER B 158 46.65 22.21 -9.69
N PHE B 159 46.05 21.90 -10.83
CA PHE B 159 46.27 22.57 -12.10
C PHE B 159 45.15 23.60 -12.27
N LEU B 160 45.53 24.88 -12.37
CA LEU B 160 44.60 25.99 -12.53
C LEU B 160 44.14 26.13 -13.98
N GLN B 161 42.83 26.16 -14.18
CA GLN B 161 42.22 26.26 -15.50
C GLN B 161 41.02 27.23 -15.49
N PHE B 162 40.87 28.04 -16.55
CA PHE B 162 39.79 29.01 -16.59
C PHE B 162 38.72 28.65 -17.60
N SER B 163 39.13 28.01 -18.70
CA SER B 163 38.24 27.63 -19.79
C SER B 163 38.15 26.10 -19.93
N THR B 164 37.16 25.63 -20.69
CA THR B 164 36.96 24.19 -20.97
C THR B 164 38.29 23.51 -21.36
N MET B 165 38.53 22.34 -20.75
CA MET B 165 39.72 21.52 -21.01
C MET B 165 39.28 20.08 -20.69
N LYS B 166 38.82 19.35 -21.71
CA LYS B 166 38.26 18.00 -21.63
C LYS B 166 39.33 16.94 -21.44
N MET B 167 39.73 16.71 -20.21
N MET B 167 39.69 16.69 -20.18
CA MET B 167 40.76 15.68 -20.04
CA MET B 167 40.76 15.76 -19.83
C MET B 167 40.23 14.36 -19.51
C MET B 167 40.29 14.39 -19.30
N ALA B 168 41.05 13.33 -19.64
CA ALA B 168 40.73 11.98 -19.20
C ALA B 168 41.33 11.73 -17.83
N HIS B 169 42.53 12.30 -17.56
CA HIS B 169 43.24 12.13 -16.30
C HIS B 169 43.74 13.50 -15.84
N ALA B 170 44.30 13.58 -14.62
CA ALA B 170 44.87 14.85 -14.14
C ALA B 170 46.02 15.26 -15.07
N PRO B 171 46.29 16.58 -15.27
CA PRO B 171 47.39 16.97 -16.16
C PRO B 171 48.72 16.41 -15.65
N PRO B 172 49.71 16.18 -16.55
CA PRO B 172 51.01 15.69 -16.09
C PRO B 172 51.56 16.46 -14.89
N GLY B 173 52.04 15.73 -13.89
CA GLY B 173 52.62 16.24 -12.65
C GLY B 173 51.63 16.82 -11.66
N HIS B 174 50.31 16.68 -11.93
CA HIS B 174 49.28 17.25 -11.06
C HIS B 174 48.32 16.14 -10.58
N HIS B 175 47.50 16.46 -9.57
CA HIS B 175 46.59 15.48 -8.93
C HIS B 175 45.15 15.93 -8.98
N SER B 176 44.89 17.16 -9.47
CA SER B 176 43.53 17.67 -9.55
C SER B 176 43.51 18.88 -10.47
N VAL B 177 42.32 19.30 -10.82
CA VAL B 177 42.15 20.50 -11.62
C VAL B 177 41.24 21.42 -10.85
N ILE B 178 41.60 22.72 -10.76
N ILE B 178 41.60 22.72 -10.83
CA ILE B 178 40.70 23.70 -10.15
CA ILE B 178 40.77 23.75 -10.21
C ILE B 178 40.28 24.65 -11.27
C ILE B 178 40.28 24.68 -11.32
N GLY B 179 38.97 24.70 -11.52
CA GLY B 179 38.34 25.59 -12.50
C GLY B 179 38.05 26.87 -11.73
N ARG B 180 38.79 27.95 -12.06
CA ARG B 180 38.63 29.18 -11.31
C ARG B 180 37.60 30.15 -11.93
N PRO B 181 36.86 30.94 -11.13
CA PRO B 181 35.93 31.91 -11.72
C PRO B 181 36.59 32.95 -12.63
N SER B 182 35.87 33.39 -13.66
CA SER B 182 36.29 34.42 -14.63
C SER B 182 35.07 35.07 -15.31
N VAL B 183 35.27 36.24 -15.94
CA VAL B 183 34.21 36.94 -16.67
C VAL B 183 33.75 36.14 -17.91
N ASN B 184 34.66 35.30 -18.47
CA ASN B 184 34.47 34.44 -19.65
C ASN B 184 33.12 33.61 -19.66
N GLY B 185 32.83 32.69 -18.71
CA GLY B 185 33.61 32.21 -17.57
C GLY B 185 32.77 31.56 -16.49
N LEU B 186 33.43 30.84 -15.54
CA LEU B 186 32.74 30.20 -14.40
C LEU B 186 32.29 31.26 -13.40
N ALA B 187 31.13 31.05 -12.76
CA ALA B 187 30.67 31.95 -11.72
C ALA B 187 31.41 31.62 -10.41
N TYR B 188 31.58 30.30 -10.11
CA TYR B 188 32.27 29.82 -8.90
C TYR B 188 33.29 28.71 -9.16
N ALA B 189 34.29 28.59 -8.26
CA ALA B 189 35.35 27.58 -8.36
C ALA B 189 34.78 26.15 -8.31
N GLU B 190 35.36 25.25 -9.11
CA GLU B 190 35.04 23.82 -9.09
C GLU B 190 36.31 23.03 -9.01
N TYR B 191 36.28 21.95 -8.24
CA TYR B 191 37.46 21.14 -7.94
C TYR B 191 37.23 19.79 -8.57
N VAL B 192 38.20 19.34 -9.38
CA VAL B 192 37.99 18.10 -10.13
C VAL B 192 39.12 17.09 -9.84
N ILE B 193 38.74 15.84 -9.57
CA ILE B 193 39.68 14.72 -9.36
C ILE B 193 39.38 13.67 -10.38
N TYR B 194 40.38 12.83 -10.69
CA TYR B 194 40.23 11.88 -11.77
C TYR B 194 40.41 10.43 -11.31
N ARG B 195 40.44 10.25 -9.99
CA ARG B 195 40.56 8.99 -9.25
C ARG B 195 39.59 9.02 -8.09
N GLY B 196 38.71 8.03 -8.02
CA GLY B 196 37.74 7.92 -6.94
C GLY B 196 38.34 7.90 -5.55
N GLU B 197 39.55 7.30 -5.38
CA GLU B 197 40.20 7.22 -4.07
C GLU B 197 40.75 8.58 -3.56
N GLN B 198 40.60 9.65 -4.35
CA GLN B 198 40.99 10.98 -3.90
C GLN B 198 39.82 11.71 -3.20
N ALA B 199 38.71 10.99 -2.89
CA ALA B 199 37.65 11.62 -2.12
C ALA B 199 37.01 10.61 -1.20
N TYR B 200 36.72 11.03 0.03
CA TYR B 200 36.03 10.22 1.01
C TYR B 200 34.64 10.89 1.31
N PRO B 201 33.52 10.13 1.21
CA PRO B 201 32.17 10.73 1.42
C PRO B 201 31.89 10.84 2.93
N GLU B 202 32.56 11.76 3.61
CA GLU B 202 32.52 11.86 5.06
C GLU B 202 31.14 12.03 5.64
N TYR B 203 30.38 13.00 5.11
CA TYR B 203 29.06 13.35 5.63
C TYR B 203 27.96 13.25 4.60
N LEU B 204 26.87 12.62 5.04
CA LEU B 204 25.68 12.48 4.23
C LEU B 204 24.64 13.40 4.86
N ILE B 205 24.26 14.44 4.10
CA ILE B 205 23.32 15.45 4.56
C ILE B 205 21.96 15.20 3.91
N THR B 206 20.89 15.06 4.71
CA THR B 206 19.52 14.93 4.19
C THR B 206 18.84 16.26 4.47
N TYR B 207 18.24 16.86 3.46
CA TYR B 207 17.70 18.22 3.62
C TYR B 207 16.59 18.51 2.62
N GLN B 208 16.01 19.70 2.74
CA GLN B 208 15.05 20.25 1.80
C GLN B 208 15.52 21.67 1.51
N ILE B 209 15.20 22.18 0.31
CA ILE B 209 15.38 23.60 0.04
C ILE B 209 14.13 24.27 0.62
N MET B 210 14.27 25.50 1.09
CA MET B 210 13.14 26.21 1.70
C MET B 210 12.58 27.28 0.79
N LYS B 211 11.24 27.37 0.77
CA LYS B 211 10.49 28.33 -0.02
C LYS B 211 10.54 29.65 0.72
N PRO B 212 11.20 30.68 0.13
CA PRO B 212 11.26 32.00 0.79
C PRO B 212 9.89 32.67 0.88
N GLY C 4 -36.83 -14.09 -9.85
CA GLY C 4 -35.94 -13.99 -8.69
C GLY C 4 -34.84 -12.96 -8.82
N THR C 5 -33.76 -13.12 -8.03
CA THR C 5 -32.63 -12.19 -8.05
C THR C 5 -31.79 -12.28 -9.32
N ILE C 6 -31.40 -11.11 -9.82
CA ILE C 6 -30.46 -10.94 -10.92
C ILE C 6 -29.21 -10.29 -10.29
N LEU C 7 -28.02 -10.80 -10.62
CA LEU C 7 -26.75 -10.23 -10.17
C LEU C 7 -26.07 -9.56 -11.32
N LEU C 8 -25.85 -8.26 -11.20
CA LEU C 8 -25.19 -7.48 -12.26
C LEU C 8 -23.73 -7.26 -11.92
N ASP C 9 -22.82 -7.60 -12.83
CA ASP C 9 -21.41 -7.37 -12.60
C ASP C 9 -21.06 -5.93 -12.81
N LEU C 10 -20.37 -5.36 -11.84
CA LEU C 10 -19.91 -3.98 -11.95
C LEU C 10 -18.48 -4.10 -12.47
N ALA C 11 -18.16 -3.30 -13.48
CA ALA C 11 -16.82 -3.29 -14.08
C ALA C 11 -15.86 -2.46 -13.20
N PRO C 12 -14.55 -2.84 -13.09
CA PRO C 12 -13.63 -2.02 -12.29
C PRO C 12 -13.49 -0.55 -12.72
N GLU C 13 -13.82 -0.26 -13.99
CA GLU C 13 -13.76 1.09 -14.57
C GLU C 13 -14.96 1.96 -14.15
N ASP C 14 -16.07 1.33 -13.71
CA ASP C 14 -17.30 2.00 -13.29
C ASP C 14 -17.11 2.78 -11.97
N LYS C 15 -17.61 4.03 -11.92
CA LYS C 15 -17.53 4.90 -10.73
C LYS C 15 -18.26 4.29 -9.52
N GLU C 16 -19.30 3.47 -9.76
CA GLU C 16 -20.08 2.81 -8.73
C GLU C 16 -19.23 1.71 -8.06
N TYR C 17 -18.45 0.95 -8.88
CA TYR C 17 -17.55 -0.11 -8.41
C TYR C 17 -16.51 0.55 -7.54
N GLN C 18 -15.88 1.64 -8.05
CA GLN C 18 -14.84 2.38 -7.34
C GLN C 18 -15.36 2.98 -6.02
N SER C 19 -16.62 3.45 -6.03
CA SER C 19 -17.26 4.02 -4.84
C SER C 19 -17.36 2.94 -3.76
N VAL C 20 -17.85 1.75 -4.14
CA VAL C 20 -18.04 0.64 -3.21
C VAL C 20 -16.67 0.20 -2.64
N GLU C 21 -15.70 -0.06 -3.52
CA GLU C 21 -14.36 -0.48 -3.09
C GLU C 21 -13.73 0.57 -2.18
N GLU C 22 -13.82 1.87 -2.53
CA GLU C 22 -13.26 2.95 -1.71
C GLU C 22 -13.85 2.95 -0.29
N GLU C 23 -15.17 2.72 -0.17
CA GLU C 23 -15.80 2.64 1.14
C GLU C 23 -15.34 1.38 1.88
N MET C 24 -15.24 0.25 1.16
CA MET C 24 -14.74 -0.97 1.79
C MET C 24 -13.31 -0.82 2.32
N GLN C 25 -12.41 -0.24 1.50
CA GLN C 25 -10.99 -0.07 1.89
C GLN C 25 -10.80 0.99 2.98
N SER C 26 -11.38 2.19 2.81
CA SER C 26 -11.20 3.30 3.77
C SER C 26 -11.78 2.99 5.13
N THR C 27 -12.88 2.18 5.19
CA THR C 27 -13.47 1.91 6.50
C THR C 27 -12.76 0.79 7.28
N ILE C 28 -11.73 0.15 6.70
CA ILE C 28 -10.93 -0.80 7.50
C ILE C 28 -10.36 -0.07 8.73
N ARG C 29 -10.29 -0.77 9.86
CA ARG C 29 -9.57 -0.28 11.03
C ARG C 29 -8.66 -1.42 11.45
N GLU C 30 -7.45 -1.10 11.85
CA GLU C 30 -6.47 -2.10 12.29
C GLU C 30 -6.14 -1.97 13.76
N HIS C 31 -6.44 -0.80 14.38
CA HIS C 31 -6.03 -0.48 15.73
C HIS C 31 -7.17 -0.15 16.71
N ARG C 32 -8.40 -0.63 16.40
CA ARG C 32 -9.54 -0.48 17.31
C ARG C 32 -9.45 -1.45 18.49
N ASN C 36 -6.70 -9.75 15.16
CA ASN C 36 -7.28 -10.86 15.91
C ASN C 36 -8.42 -11.51 15.09
N ALA C 37 -9.70 -11.30 15.50
CA ALA C 37 -10.87 -11.81 14.78
C ALA C 37 -10.90 -11.10 13.40
N GLY C 38 -11.10 -11.89 12.35
CA GLY C 38 -11.11 -11.40 10.98
C GLY C 38 -9.76 -11.48 10.30
N GLY C 39 -8.68 -11.41 11.10
CA GLY C 39 -7.32 -11.48 10.58
C GLY C 39 -6.49 -10.22 10.64
N ILE C 40 -5.25 -10.33 10.14
CA ILE C 40 -4.28 -9.24 10.11
C ILE C 40 -4.11 -8.72 8.68
N PHE C 41 -4.54 -7.47 8.43
CA PHE C 41 -4.48 -6.88 7.10
C PHE C 41 -4.74 -5.39 7.18
N ASN C 42 -4.28 -4.67 6.16
CA ASN C 42 -4.54 -3.24 6.00
C ASN C 42 -5.31 -2.96 4.69
N ARG C 43 -5.50 -3.98 3.84
CA ARG C 43 -6.18 -3.80 2.55
C ARG C 43 -6.86 -5.09 2.12
N TYR C 44 -7.84 -4.98 1.22
CA TYR C 44 -8.46 -6.16 0.61
C TYR C 44 -8.02 -6.27 -0.83
N ASN C 45 -8.10 -7.49 -1.37
CA ASN C 45 -7.94 -7.71 -2.80
C ASN C 45 -9.38 -7.94 -3.27
N VAL C 46 -10.01 -6.92 -3.87
CA VAL C 46 -11.39 -7.04 -4.35
C VAL C 46 -11.37 -7.80 -5.66
N ILE C 47 -12.04 -8.94 -5.68
CA ILE C 47 -12.11 -9.85 -6.83
C ILE C 47 -13.30 -9.51 -7.72
N ARG C 48 -14.47 -9.25 -7.12
CA ARG C 48 -15.70 -8.98 -7.86
C ARG C 48 -16.66 -8.11 -7.02
N ILE C 49 -17.46 -7.28 -7.70
CA ILE C 49 -18.55 -6.50 -7.10
C ILE C 49 -19.77 -6.70 -7.97
N GLN C 50 -20.82 -7.28 -7.39
CA GLN C 50 -22.09 -7.50 -8.07
C GLN C 50 -23.23 -6.70 -7.44
N LYS C 51 -24.11 -6.12 -8.27
CA LYS C 51 -25.30 -5.40 -7.82
C LYS C 51 -26.44 -6.42 -7.75
N VAL C 52 -27.13 -6.47 -6.61
CA VAL C 52 -28.23 -7.40 -6.36
C VAL C 52 -29.57 -6.76 -6.76
N VAL C 53 -30.22 -7.33 -7.78
CA VAL C 53 -31.50 -6.78 -8.25
C VAL C 53 -32.64 -7.75 -7.98
N ASN C 54 -33.60 -7.34 -7.15
CA ASN C 54 -34.76 -8.19 -6.83
C ASN C 54 -35.98 -7.30 -6.57
N LYS C 55 -36.93 -7.31 -7.50
CA LYS C 55 -38.13 -6.47 -7.45
C LYS C 55 -38.97 -6.69 -6.19
N LYS C 56 -39.17 -7.96 -5.82
CA LYS C 56 -39.96 -8.33 -4.64
C LYS C 56 -39.28 -7.83 -3.35
N LEU C 57 -37.96 -8.08 -3.20
CA LEU C 57 -37.24 -7.62 -2.00
C LEU C 57 -37.23 -6.11 -1.93
N ARG C 58 -37.06 -5.45 -3.08
CA ARG C 58 -37.06 -3.98 -3.13
C ARG C 58 -38.43 -3.40 -2.67
N GLU C 59 -39.55 -3.96 -3.15
CA GLU C 59 -40.90 -3.48 -2.73
C GLU C 59 -41.09 -3.59 -1.21
N ARG C 60 -40.68 -4.74 -0.61
CA ARG C 60 -40.85 -4.92 0.83
C ARG C 60 -40.01 -3.88 1.57
N PHE C 61 -38.80 -3.60 1.07
CA PHE C 61 -37.90 -2.63 1.69
C PHE C 61 -38.48 -1.21 1.61
N CYS C 62 -38.99 -0.85 0.43
CA CYS C 62 -39.59 0.46 0.18
C CYS C 62 -40.85 0.68 1.00
N HIS C 63 -41.71 -0.37 1.17
CA HIS C 63 -42.92 -0.21 1.98
C HIS C 63 -42.54 0.06 3.45
N ARG C 64 -41.54 -0.68 3.98
CA ARG C 64 -41.12 -0.50 5.36
C ARG C 64 -40.53 0.90 5.55
N GLN C 65 -39.81 1.39 4.54
CA GLN C 65 -39.25 2.75 4.60
C GLN C 65 -40.36 3.79 4.78
N LYS C 66 -41.53 3.62 4.11
CA LYS C 66 -42.68 4.52 4.27
C LYS C 66 -43.23 4.50 5.71
N GLU C 67 -43.34 3.29 6.29
CA GLU C 67 -43.83 3.08 7.65
C GLU C 67 -42.89 3.77 8.67
N VAL C 68 -41.56 3.55 8.50
CA VAL C 68 -40.56 4.14 9.39
C VAL C 68 -40.57 5.68 9.28
N SER C 69 -40.61 6.22 8.06
CA SER C 69 -40.67 7.65 7.75
C SER C 69 -41.84 8.31 8.50
N GLU C 70 -43.03 7.67 8.50
CA GLU C 70 -44.24 8.16 9.18
C GLU C 70 -44.07 8.21 10.70
N GLU C 71 -43.29 7.27 11.26
CA GLU C 71 -43.01 7.20 12.70
C GLU C 71 -41.74 7.94 13.09
N ASN C 72 -41.02 8.54 12.11
CA ASN C 72 -39.76 9.22 12.38
C ASN C 72 -39.67 10.64 11.75
N HIS C 73 -40.75 11.43 11.90
CA HIS C 73 -40.84 12.82 11.40
C HIS C 73 -40.40 12.96 9.94
N ASN C 74 -40.83 12.02 9.07
CA ASN C 74 -40.55 12.01 7.64
C ASN C 74 -39.08 11.74 7.25
N HIS C 75 -38.32 11.05 8.12
CA HIS C 75 -36.93 10.70 7.81
C HIS C 75 -36.71 9.17 7.93
N HIS C 76 -36.15 8.54 6.89
CA HIS C 76 -35.83 7.09 6.91
C HIS C 76 -34.62 6.78 7.76
N ASN C 77 -33.65 7.74 7.80
CA ASN C 77 -32.34 7.59 8.40
C ASN C 77 -31.68 6.35 7.71
N GLU C 78 -31.59 6.39 6.38
CA GLU C 78 -30.97 5.26 5.67
C GLU C 78 -29.45 5.41 5.71
N ARG C 79 -28.73 4.29 5.90
CA ARG C 79 -27.27 4.28 5.90
C ARG C 79 -26.79 3.12 5.07
N MET C 80 -25.63 3.30 4.40
CA MET C 80 -25.00 2.19 3.66
C MET C 80 -24.04 1.52 4.68
N LEU C 81 -24.28 0.25 4.99
CA LEU C 81 -23.48 -0.48 5.99
C LEU C 81 -23.12 -1.87 5.49
N PHE C 82 -22.04 -2.41 6.05
CA PHE C 82 -21.55 -3.76 5.67
C PHE C 82 -22.22 -4.87 6.47
N HIS C 83 -22.26 -6.06 5.91
CA HIS C 83 -22.79 -7.23 6.61
C HIS C 83 -21.99 -8.46 6.16
N GLY C 84 -21.38 -9.13 7.12
CA GLY C 84 -20.64 -10.36 6.88
C GLY C 84 -21.45 -11.54 7.38
N SER C 85 -21.47 -12.65 6.63
CA SER C 85 -22.24 -13.82 7.04
C SER C 85 -21.86 -15.02 6.14
N PRO C 86 -21.83 -16.25 6.68
CA PRO C 86 -21.58 -17.40 5.80
C PRO C 86 -22.84 -17.78 5.01
N PHE C 87 -23.99 -17.13 5.32
CA PHE C 87 -25.31 -17.37 4.68
C PHE C 87 -25.69 -16.31 3.61
N ILE C 88 -24.69 -15.75 2.92
CA ILE C 88 -24.88 -14.73 1.89
C ILE C 88 -25.81 -15.20 0.76
N ASN C 89 -25.71 -16.48 0.35
CA ASN C 89 -26.57 -17.02 -0.72
C ASN C 89 -28.06 -16.91 -0.44
N ALA C 90 -28.49 -17.26 0.79
CA ALA C 90 -29.88 -17.14 1.20
C ALA C 90 -30.30 -15.66 1.19
N ILE C 91 -29.42 -14.77 1.71
CA ILE C 91 -29.76 -13.35 1.81
C ILE C 91 -30.02 -12.72 0.45
N ILE C 92 -29.12 -12.95 -0.52
CA ILE C 92 -29.27 -12.33 -1.85
C ILE C 92 -30.46 -12.89 -2.63
N HIS C 93 -30.96 -14.09 -2.29
CA HIS C 93 -32.12 -14.65 -3.00
C HIS C 93 -33.44 -14.42 -2.28
N LYS C 94 -33.44 -14.47 -0.93
CA LYS C 94 -34.64 -14.40 -0.10
C LYS C 94 -34.78 -13.13 0.76
N GLY C 95 -33.73 -12.34 0.83
CA GLY C 95 -33.66 -11.13 1.65
C GLY C 95 -33.21 -11.43 3.07
N PHE C 96 -32.98 -10.38 3.85
CA PHE C 96 -32.66 -10.53 5.27
C PHE C 96 -33.89 -11.07 6.00
N ASP C 97 -33.69 -11.90 6.99
CA ASP C 97 -34.84 -12.52 7.69
C ASP C 97 -34.54 -12.64 9.18
N GLU C 98 -35.22 -11.79 9.97
CA GLU C 98 -35.09 -11.75 11.44
C GLU C 98 -35.46 -13.11 12.09
N ARG C 99 -36.20 -13.99 11.39
CA ARG C 99 -36.53 -15.32 11.98
C ARG C 99 -35.28 -16.20 12.15
N HIS C 100 -34.15 -15.81 11.48
CA HIS C 100 -32.86 -16.47 11.61
C HIS C 100 -31.99 -15.85 12.71
N ALA C 101 -32.51 -14.82 13.41
CA ALA C 101 -31.78 -14.13 14.48
C ALA C 101 -32.20 -14.66 15.84
N TYR C 102 -31.23 -14.78 16.77
CA TYR C 102 -31.56 -15.28 18.10
C TYR C 102 -31.10 -14.34 19.22
N ILE C 103 -31.77 -14.46 20.37
CA ILE C 103 -31.63 -13.58 21.54
C ILE C 103 -30.20 -13.50 22.16
N GLY C 104 -29.34 -14.46 21.86
CA GLY C 104 -27.99 -14.55 22.42
C GLY C 104 -26.96 -13.48 22.09
N GLY C 105 -27.18 -12.70 21.02
CA GLY C 105 -26.26 -11.64 20.63
C GLY C 105 -26.21 -10.50 21.63
N MET C 106 -25.22 -9.62 21.51
CA MET C 106 -25.05 -8.47 22.40
C MET C 106 -26.30 -7.58 22.46
N PHE C 107 -26.99 -7.42 21.30
CA PHE C 107 -28.18 -6.59 21.27
C PHE C 107 -29.40 -7.44 20.98
N GLY C 108 -29.30 -8.72 21.31
CA GLY C 108 -30.41 -9.64 21.15
C GLY C 108 -30.66 -10.11 19.73
N ALA C 109 -31.90 -10.47 19.44
CA ALA C 109 -32.33 -11.10 18.19
C ALA C 109 -32.49 -10.14 17.00
N GLY C 110 -31.39 -9.50 16.64
CA GLY C 110 -31.41 -8.62 15.49
C GLY C 110 -30.49 -9.06 14.35
N ILE C 111 -30.45 -8.23 13.31
CA ILE C 111 -29.60 -8.40 12.13
C ILE C 111 -28.58 -7.26 12.30
N TYR C 112 -27.29 -7.62 12.36
CA TYR C 112 -26.19 -6.71 12.71
C TYR C 112 -25.38 -6.25 11.50
N PHE C 113 -25.05 -4.95 11.48
CA PHE C 113 -24.32 -4.30 10.40
C PHE C 113 -23.23 -3.42 10.98
N ALA C 114 -22.21 -3.16 10.18
CA ALA C 114 -21.11 -2.33 10.64
C ALA C 114 -20.84 -1.21 9.66
N GLU C 115 -20.40 -0.05 10.18
CA GLU C 115 -19.95 1.03 9.31
C GLU C 115 -18.50 0.75 8.85
N ASN C 116 -17.77 -0.17 9.56
CA ASN C 116 -16.38 -0.53 9.21
C ASN C 116 -16.37 -1.91 8.61
N SER C 117 -15.89 -2.00 7.37
CA SER C 117 -15.81 -3.29 6.68
C SER C 117 -15.04 -4.35 7.47
N SER C 118 -13.94 -3.93 8.17
CA SER C 118 -13.11 -4.86 8.96
C SER C 118 -13.90 -5.52 10.11
N LYS C 119 -14.95 -4.85 10.61
CA LYS C 119 -15.78 -5.47 11.64
C LYS C 119 -16.63 -6.62 11.00
N SER C 120 -17.30 -6.32 9.85
CA SER C 120 -18.13 -7.33 9.15
C SER C 120 -17.29 -8.51 8.62
N ASN C 121 -16.02 -8.26 8.30
CA ASN C 121 -15.08 -9.28 7.85
C ASN C 121 -14.86 -10.35 8.94
N GLN C 122 -15.14 -10.04 10.22
CA GLN C 122 -14.99 -11.03 11.30
C GLN C 122 -16.05 -12.15 11.19
N TYR C 123 -17.12 -11.96 10.41
CA TYR C 123 -18.25 -12.89 10.41
C TYR C 123 -18.51 -13.61 9.10
N VAL C 124 -17.58 -13.51 8.15
CA VAL C 124 -17.79 -14.06 6.80
C VAL C 124 -17.70 -15.59 6.77
N TYR C 125 -17.09 -16.20 7.81
CA TYR C 125 -16.97 -17.65 7.86
C TYR C 125 -17.86 -18.27 8.95
N GLY C 126 -18.30 -17.45 9.89
CA GLY C 126 -19.15 -17.91 10.99
C GLY C 126 -19.75 -16.74 11.73
N ILE C 127 -21.05 -16.85 12.01
CA ILE C 127 -21.92 -15.90 12.74
C ILE C 127 -21.32 -15.44 14.11
N GLY C 128 -20.66 -16.35 14.82
CA GLY C 128 -20.04 -16.08 16.11
C GLY C 128 -18.81 -15.20 16.07
N GLY C 129 -18.07 -15.26 14.95
CA GLY C 129 -16.87 -14.45 14.75
C GLY C 129 -15.50 -15.06 14.94
N GLY C 130 -15.37 -16.05 15.82
CA GLY C 130 -14.07 -16.66 16.10
C GLY C 130 -13.65 -17.70 15.08
N THR C 131 -14.45 -17.86 14.02
CA THR C 131 -14.29 -18.88 12.99
C THR C 131 -13.43 -18.44 11.80
N GLY C 132 -12.40 -19.25 11.51
CA GLY C 132 -11.53 -19.05 10.37
C GLY C 132 -12.13 -19.71 9.15
N CYS C 133 -11.37 -19.72 8.02
CA CYS C 133 -11.84 -20.33 6.77
C CYS C 133 -12.17 -21.82 6.98
N PRO C 134 -13.11 -22.42 6.23
CA PRO C 134 -13.41 -23.85 6.46
C PRO C 134 -12.28 -24.83 6.20
N THR C 135 -11.40 -24.54 5.23
CA THR C 135 -10.31 -25.48 4.88
C THR C 135 -9.12 -25.44 5.84
N HIS C 136 -8.66 -24.23 6.23
CA HIS C 136 -7.45 -24.05 7.03
C HIS C 136 -7.69 -23.62 8.46
N LYS C 137 -8.95 -23.34 8.82
CA LYS C 137 -9.39 -22.86 10.17
C LYS C 137 -8.51 -21.66 10.58
N ASP C 138 -8.14 -20.84 9.58
CA ASP C 138 -7.27 -19.70 9.77
C ASP C 138 -8.09 -18.41 9.73
N ARG C 139 -8.20 -17.72 10.89
CA ARG C 139 -8.92 -16.45 10.96
C ARG C 139 -8.28 -15.42 10.01
N SER C 140 -6.95 -15.53 9.77
CA SER C 140 -6.21 -14.62 8.91
C SER C 140 -5.84 -15.24 7.53
N CYS C 141 -6.64 -16.20 7.05
CA CYS C 141 -6.33 -16.82 5.76
C CYS C 141 -6.29 -15.80 4.59
N TYR C 142 -5.16 -15.76 3.85
CA TYR C 142 -4.95 -14.80 2.77
C TYR C 142 -5.32 -15.37 1.41
N ILE C 143 -5.66 -16.66 1.37
CA ILE C 143 -5.93 -17.35 0.10
C ILE C 143 -7.43 -17.57 -0.15
N CYS C 144 -8.16 -18.11 0.83
CA CYS C 144 -9.58 -18.42 0.70
C CYS C 144 -10.41 -17.20 0.46
N HIS C 145 -11.33 -17.30 -0.53
CA HIS C 145 -12.20 -16.19 -0.91
C HIS C 145 -13.21 -15.91 0.20
N ARG C 146 -13.59 -14.65 0.30
CA ARG C 146 -14.55 -14.22 1.28
C ARG C 146 -15.60 -13.43 0.53
N GLN C 147 -16.79 -13.31 1.14
CA GLN C 147 -17.84 -12.47 0.56
C GLN C 147 -18.43 -11.62 1.64
N MET C 148 -18.81 -10.40 1.28
CA MET C 148 -19.54 -9.54 2.19
C MET C 148 -20.55 -8.70 1.42
N LEU C 149 -21.58 -8.20 2.12
CA LEU C 149 -22.58 -7.38 1.49
C LEU C 149 -22.38 -5.93 1.92
N PHE C 150 -22.69 -5.00 1.02
CA PHE C 150 -22.72 -3.55 1.32
C PHE C 150 -24.20 -3.22 1.06
N CYS C 151 -24.93 -2.90 2.15
CA CYS C 151 -26.38 -2.84 2.25
C CYS C 151 -26.97 -1.47 2.48
N ARG C 152 -28.22 -1.30 2.01
CA ARG C 152 -29.01 -0.10 2.34
C ARG C 152 -29.72 -0.51 3.64
N VAL C 153 -29.57 0.28 4.69
CA VAL C 153 -30.17 -0.07 6.00
C VAL C 153 -31.06 1.09 6.49
N THR C 154 -32.35 0.81 6.75
CA THR C 154 -33.31 1.78 7.26
C THR C 154 -33.19 1.76 8.77
N LEU C 155 -32.58 2.81 9.35
CA LEU C 155 -32.41 2.86 10.80
C LEU C 155 -33.56 3.55 11.52
N GLY C 156 -34.23 4.49 10.85
CA GLY C 156 -35.29 5.31 11.46
C GLY C 156 -34.77 5.96 12.72
N LYS C 157 -35.58 5.91 13.79
CA LYS C 157 -35.15 6.46 15.08
C LYS C 157 -34.30 5.43 15.83
N SER C 158 -32.98 5.68 15.92
CA SER C 158 -32.09 4.75 16.61
C SER C 158 -32.01 4.95 18.10
N PHE C 159 -31.90 3.84 18.81
CA PHE C 159 -31.72 3.79 20.25
C PHE C 159 -30.24 3.50 20.54
N LEU C 160 -29.53 4.50 21.09
CA LEU C 160 -28.10 4.34 21.38
C LEU C 160 -27.87 3.56 22.64
N GLN C 161 -27.02 2.54 22.55
CA GLN C 161 -26.65 1.67 23.66
C GLN C 161 -25.12 1.55 23.68
N PHE C 162 -24.53 1.27 24.85
CA PHE C 162 -23.09 1.25 25.06
C PHE C 162 -22.60 -0.08 25.65
N SER C 163 -23.54 -0.90 26.13
CA SER C 163 -23.28 -2.21 26.72
C SER C 163 -24.44 -3.15 26.36
N THR C 164 -24.28 -4.46 26.61
CA THR C 164 -25.25 -5.49 26.26
C THR C 164 -26.68 -5.18 26.75
N MET C 165 -27.66 -5.37 25.84
CA MET C 165 -29.09 -5.15 26.05
C MET C 165 -29.77 -6.12 25.07
N LYS C 166 -30.04 -7.32 25.54
CA LYS C 166 -30.60 -8.43 24.76
C LYS C 166 -32.08 -8.30 24.51
N MET C 167 -32.45 -7.70 23.38
N MET C 167 -32.42 -7.74 23.34
CA MET C 167 -33.87 -7.55 23.07
CA MET C 167 -33.81 -7.51 22.93
C MET C 167 -34.35 -8.41 21.91
C MET C 167 -34.34 -8.41 21.84
N ALA C 168 -35.66 -8.64 21.88
CA ALA C 168 -36.32 -9.44 20.86
C ALA C 168 -36.72 -8.50 19.72
N HIS C 169 -37.13 -7.25 20.05
CA HIS C 169 -37.57 -6.28 19.03
C HIS C 169 -36.92 -4.91 19.30
N ALA C 170 -37.10 -3.94 18.38
CA ALA C 170 -36.52 -2.61 18.63
C ALA C 170 -37.13 -2.01 19.92
N PRO C 171 -36.42 -1.16 20.70
CA PRO C 171 -37.06 -0.56 21.88
C PRO C 171 -38.30 0.25 21.52
N PRO C 172 -39.29 0.38 22.42
CA PRO C 172 -40.48 1.16 22.07
C PRO C 172 -40.13 2.53 21.50
N GLY C 173 -40.85 2.93 20.46
CA GLY C 173 -40.68 4.21 19.78
C GLY C 173 -39.46 4.32 18.90
N HIS C 174 -38.67 3.23 18.79
CA HIS C 174 -37.44 3.23 17.98
C HIS C 174 -37.49 2.17 16.88
N HIS C 175 -36.58 2.26 15.90
CA HIS C 175 -36.56 1.36 14.74
C HIS C 175 -35.26 0.60 14.60
N SER C 176 -34.28 0.94 15.43
CA SER C 176 -32.97 0.28 15.40
C SER C 176 -32.25 0.55 16.69
N VAL C 177 -31.16 -0.18 16.90
CA VAL C 177 -30.25 -0.01 18.01
C VAL C 177 -28.87 0.26 17.46
N ILE C 178 -28.15 1.22 18.06
N ILE C 178 -28.12 1.20 18.06
CA ILE C 178 -26.75 1.49 17.71
CA ILE C 178 -26.74 1.38 17.62
C ILE C 178 -25.92 1.22 18.96
C ILE C 178 -25.85 1.29 18.87
N GLY C 179 -24.99 0.29 18.84
CA GLY C 179 -24.04 -0.04 19.90
C GLY C 179 -22.84 0.83 19.64
N ARG C 180 -22.67 1.87 20.46
CA ARG C 180 -21.61 2.86 20.26
C ARG C 180 -20.32 2.42 20.90
N PRO C 181 -19.17 2.72 20.26
CA PRO C 181 -17.88 2.36 20.89
C PRO C 181 -17.54 3.28 22.06
N SER C 182 -16.89 2.70 23.09
CA SER C 182 -16.44 3.36 24.33
C SER C 182 -15.15 2.67 24.81
N VAL C 183 -14.21 3.46 25.39
CA VAL C 183 -12.86 3.07 25.86
C VAL C 183 -12.70 1.60 26.31
N ASN C 184 -13.55 1.12 27.25
CA ASN C 184 -13.47 -0.27 27.73
C ASN C 184 -14.68 -1.14 27.34
N GLY C 185 -15.42 -0.69 26.32
CA GLY C 185 -16.59 -1.39 25.81
C GLY C 185 -16.37 -1.88 24.39
N LEU C 186 -17.33 -1.55 23.49
CA LEU C 186 -17.27 -1.93 22.08
C LEU C 186 -16.12 -1.22 21.38
N ALA C 187 -15.48 -1.91 20.43
CA ALA C 187 -14.36 -1.37 19.66
C ALA C 187 -14.89 -0.67 18.40
N TYR C 188 -16.00 -1.14 17.86
CA TYR C 188 -16.63 -0.64 16.64
C TYR C 188 -18.09 -0.31 16.90
N ALA C 189 -18.66 0.62 16.12
CA ALA C 189 -20.10 0.92 16.16
C ALA C 189 -20.80 -0.26 15.49
N GLU C 190 -21.92 -0.69 16.02
CA GLU C 190 -22.70 -1.74 15.38
C GLU C 190 -24.12 -1.31 15.32
N TYR C 191 -24.75 -1.60 14.19
CA TYR C 191 -26.08 -1.15 13.82
C TYR C 191 -26.99 -2.36 13.76
N VAL C 192 -28.08 -2.32 14.53
CA VAL C 192 -28.96 -3.51 14.67
C VAL C 192 -30.40 -3.21 14.33
N ILE C 193 -30.99 -4.05 13.47
CA ILE C 193 -32.40 -3.94 13.07
C ILE C 193 -33.06 -5.22 13.48
N TYR C 194 -34.37 -5.18 13.63
CA TYR C 194 -35.08 -6.35 14.14
C TYR C 194 -36.15 -6.85 13.18
N ARG C 195 -36.14 -6.34 11.95
CA ARG C 195 -37.01 -6.69 10.84
C ARG C 195 -36.15 -6.79 9.59
N GLY C 196 -36.26 -7.91 8.86
CA GLY C 196 -35.48 -8.12 7.64
C GLY C 196 -35.72 -7.08 6.57
N GLU C 197 -36.97 -6.53 6.50
CA GLU C 197 -37.32 -5.55 5.49
C GLU C 197 -36.70 -4.17 5.71
N GLN C 198 -35.94 -4.01 6.81
CA GLN C 198 -35.17 -2.77 7.08
C GLN C 198 -33.77 -2.80 6.47
N ALA C 199 -33.46 -3.83 5.68
CA ALA C 199 -32.16 -3.83 4.98
C ALA C 199 -32.34 -4.44 3.59
N TYR C 200 -31.61 -3.89 2.61
CA TYR C 200 -31.58 -4.38 1.24
C TYR C 200 -30.11 -4.74 0.91
N PRO C 201 -29.86 -5.97 0.45
CA PRO C 201 -28.46 -6.40 0.18
C PRO C 201 -28.01 -5.86 -1.17
N GLU C 202 -27.68 -4.58 -1.22
CA GLU C 202 -27.41 -3.85 -2.44
C GLU C 202 -26.23 -4.38 -3.29
N TYR C 203 -25.06 -4.61 -2.66
CA TYR C 203 -23.86 -5.05 -3.35
C TYR C 203 -23.31 -6.32 -2.73
N LEU C 204 -22.84 -7.25 -3.56
CA LEU C 204 -22.19 -8.47 -3.13
C LEU C 204 -20.72 -8.37 -3.55
N ILE C 205 -19.83 -8.35 -2.55
CA ILE C 205 -18.38 -8.16 -2.77
C ILE C 205 -17.67 -9.49 -2.53
N THR C 206 -16.85 -9.92 -3.51
CA THR C 206 -16.01 -11.12 -3.42
C THR C 206 -14.57 -10.60 -3.32
N TYR C 207 -13.81 -11.11 -2.33
CA TYR C 207 -12.50 -10.55 -2.01
C TYR C 207 -11.60 -11.52 -1.19
N GLN C 208 -10.38 -11.09 -0.95
CA GLN C 208 -9.45 -11.74 -0.05
C GLN C 208 -8.89 -10.65 0.83
N ILE C 209 -8.46 -10.98 2.04
CA ILE C 209 -7.71 -10.01 2.83
C ILE C 209 -6.25 -10.15 2.30
N MET C 210 -5.47 -9.07 2.35
CA MET C 210 -4.10 -9.10 1.84
C MET C 210 -3.06 -9.14 2.95
N LYS C 211 -1.99 -9.95 2.77
CA LYS C 211 -0.90 -10.07 3.74
C LYS C 211 -0.15 -8.73 3.78
N PRO C 212 0.00 -8.05 4.95
CA PRO C 212 0.66 -6.74 4.97
C PRO C 212 2.16 -6.79 4.64
N GLY D 4 9.24 -8.55 -26.19
CA GLY D 4 9.40 -9.98 -25.95
C GLY D 4 8.12 -10.78 -26.00
N THR D 5 7.82 -11.52 -24.92
CA THR D 5 6.63 -12.38 -24.85
C THR D 5 5.33 -11.62 -24.70
N ILE D 6 4.32 -12.06 -25.47
CA ILE D 6 2.92 -11.63 -25.45
C ILE D 6 2.14 -12.89 -25.00
N LEU D 7 1.22 -12.74 -24.03
CA LEU D 7 0.35 -13.83 -23.56
C LEU D 7 -1.05 -13.60 -24.06
N LEU D 8 -1.52 -14.46 -24.97
CA LEU D 8 -2.87 -14.36 -25.52
C LEU D 8 -3.84 -15.17 -24.71
N ASP D 9 -4.90 -14.55 -24.21
CA ASP D 9 -5.91 -15.28 -23.44
C ASP D 9 -6.78 -16.08 -24.40
N LEU D 10 -6.90 -17.38 -24.19
CA LEU D 10 -7.79 -18.16 -25.05
C LEU D 10 -9.16 -18.17 -24.40
N ALA D 11 -10.21 -18.00 -25.19
CA ALA D 11 -11.55 -18.00 -24.59
C ALA D 11 -12.00 -19.45 -24.37
N PRO D 12 -12.74 -19.79 -23.29
CA PRO D 12 -13.20 -21.19 -23.10
C PRO D 12 -14.02 -21.73 -24.28
N GLU D 13 -14.61 -20.83 -25.10
CA GLU D 13 -15.38 -21.18 -26.28
C GLU D 13 -14.51 -21.51 -27.50
N ASP D 14 -13.19 -21.18 -27.46
CA ASP D 14 -12.26 -21.44 -28.55
C ASP D 14 -11.96 -22.93 -28.67
N LYS D 15 -11.89 -23.44 -29.93
CA LYS D 15 -11.57 -24.84 -30.21
C LYS D 15 -10.16 -25.19 -29.66
N GLU D 16 -9.24 -24.22 -29.68
CA GLU D 16 -7.88 -24.38 -29.20
C GLU D 16 -7.87 -24.57 -27.68
N TYR D 17 -8.63 -23.75 -26.95
CA TYR D 17 -8.76 -23.85 -25.50
C TYR D 17 -9.30 -25.24 -25.18
N GLN D 18 -10.37 -25.64 -25.88
CA GLN D 18 -11.02 -26.93 -25.62
C GLN D 18 -10.13 -28.13 -25.91
N SER D 19 -9.31 -28.05 -26.98
CA SER D 19 -8.37 -29.11 -27.36
C SER D 19 -7.30 -29.30 -26.23
N VAL D 20 -6.75 -28.17 -25.73
CA VAL D 20 -5.72 -28.16 -24.67
C VAL D 20 -6.31 -28.76 -23.37
N GLU D 21 -7.49 -28.29 -22.95
CA GLU D 21 -8.11 -28.80 -21.75
C GLU D 21 -8.40 -30.29 -21.86
N GLU D 22 -8.94 -30.74 -23.00
CA GLU D 22 -9.23 -32.15 -23.24
C GLU D 22 -7.95 -33.01 -23.10
N GLU D 23 -6.83 -32.56 -23.67
CA GLU D 23 -5.57 -33.31 -23.55
C GLU D 23 -5.11 -33.30 -22.08
N MET D 24 -5.21 -32.15 -21.39
CA MET D 24 -4.85 -32.10 -19.98
C MET D 24 -5.66 -33.06 -19.12
N GLN D 25 -6.98 -33.05 -19.29
CA GLN D 25 -7.89 -33.89 -18.52
C GLN D 25 -7.76 -35.38 -18.85
N SER D 26 -7.80 -35.74 -20.14
N SER D 26 -7.80 -35.74 -20.13
CA SER D 26 -7.75 -37.15 -20.55
CA SER D 26 -7.73 -37.14 -20.56
C SER D 26 -6.45 -37.85 -20.15
C SER D 26 -6.45 -37.85 -20.15
N THR D 27 -5.32 -37.11 -20.13
CA THR D 27 -4.02 -37.73 -19.83
C THR D 27 -3.75 -37.91 -18.35
N ILE D 28 -4.68 -37.45 -17.46
CA ILE D 28 -4.50 -37.78 -16.06
C ILE D 28 -4.49 -39.32 -15.89
N ARG D 29 -3.67 -39.79 -14.93
CA ARG D 29 -3.70 -41.16 -14.45
C ARG D 29 -3.82 -41.15 -12.94
N GLU D 30 -4.66 -42.03 -12.37
CA GLU D 30 -4.81 -42.12 -10.93
C GLU D 30 -4.30 -43.45 -10.40
N HIS D 31 -4.13 -44.45 -11.29
CA HIS D 31 -3.81 -45.80 -10.85
C HIS D 31 -2.52 -46.38 -11.43
N ARG D 32 -1.56 -45.52 -11.81
CA ARG D 32 -0.24 -46.03 -12.21
C ARG D 32 0.49 -46.35 -10.88
N ASP D 33 1.60 -47.09 -10.94
CA ASP D 33 2.38 -47.44 -9.74
C ASP D 33 3.15 -46.27 -9.12
N ALA D 37 2.27 -38.09 -5.48
CA ALA D 37 3.23 -37.01 -5.30
C ALA D 37 2.66 -35.62 -5.65
N GLY D 38 1.67 -35.59 -6.53
CA GLY D 38 0.99 -34.36 -6.95
C GLY D 38 -0.41 -34.20 -6.37
N GLY D 39 -0.80 -35.12 -5.48
CA GLY D 39 -2.09 -35.12 -4.82
C GLY D 39 -3.09 -36.15 -5.33
N ILE D 40 -4.29 -36.14 -4.74
CA ILE D 40 -5.39 -37.08 -5.02
C ILE D 40 -6.48 -36.35 -5.76
N PHE D 41 -6.74 -36.72 -7.03
CA PHE D 41 -7.71 -36.05 -7.91
C PHE D 41 -7.96 -36.85 -9.15
N ASN D 42 -9.13 -36.64 -9.78
CA ASN D 42 -9.46 -37.28 -11.06
C ASN D 42 -9.71 -36.22 -12.13
N ARG D 43 -9.65 -34.92 -11.78
CA ARG D 43 -9.92 -33.84 -12.72
C ARG D 43 -9.24 -32.55 -12.23
N TYR D 44 -9.04 -31.61 -13.15
CA TYR D 44 -8.54 -30.28 -12.83
C TYR D 44 -9.69 -29.28 -13.01
N ASN D 45 -9.57 -28.15 -12.32
CA ASN D 45 -10.45 -27.01 -12.55
C ASN D 45 -9.56 -26.07 -13.36
N VAL D 46 -9.77 -25.96 -14.70
CA VAL D 46 -8.94 -25.07 -15.51
C VAL D 46 -9.44 -23.64 -15.34
N ILE D 47 -8.57 -22.77 -14.81
CA ILE D 47 -8.90 -21.37 -14.54
C ILE D 47 -8.66 -20.49 -15.77
N ARG D 48 -7.52 -20.69 -16.44
CA ARG D 48 -7.13 -19.89 -17.58
C ARG D 48 -6.19 -20.69 -18.49
N ILE D 49 -6.21 -20.39 -19.79
CA ILE D 49 -5.26 -20.95 -20.77
C ILE D 49 -4.81 -19.79 -21.63
N GLN D 50 -3.50 -19.54 -21.62
CA GLN D 50 -2.88 -18.49 -22.40
C GLN D 50 -1.94 -19.08 -23.42
N LYS D 51 -1.91 -18.47 -24.60
CA LYS D 51 -1.00 -18.88 -25.65
C LYS D 51 0.25 -17.98 -25.58
N VAL D 52 1.42 -18.61 -25.50
CA VAL D 52 2.70 -17.90 -25.37
C VAL D 52 3.24 -17.50 -26.75
N VAL D 53 3.38 -16.18 -27.01
CA VAL D 53 3.86 -15.69 -28.29
C VAL D 53 5.18 -14.96 -28.13
N ASN D 54 6.23 -15.51 -28.74
CA ASN D 54 7.55 -14.87 -28.66
C ASN D 54 8.30 -15.15 -29.95
N LYS D 55 8.45 -14.10 -30.76
CA LYS D 55 9.04 -14.17 -32.08
C LYS D 55 10.45 -14.77 -32.08
N LYS D 56 11.33 -14.22 -31.24
CA LYS D 56 12.73 -14.67 -31.11
C LYS D 56 12.76 -16.15 -30.71
N LEU D 57 11.98 -16.54 -29.68
CA LEU D 57 11.92 -17.93 -29.21
C LEU D 57 11.41 -18.88 -30.29
N ARG D 58 10.36 -18.46 -31.04
CA ARG D 58 9.84 -19.27 -32.13
C ARG D 58 10.90 -19.48 -33.23
N GLU D 59 11.67 -18.44 -33.60
CA GLU D 59 12.72 -18.55 -34.62
C GLU D 59 13.79 -19.58 -34.17
N ARG D 60 14.23 -19.52 -32.89
CA ARG D 60 15.28 -20.47 -32.44
C ARG D 60 14.76 -21.90 -32.48
N PHE D 61 13.48 -22.08 -32.11
CA PHE D 61 12.82 -23.39 -32.14
C PHE D 61 12.75 -23.92 -33.58
N CYS D 62 12.32 -23.07 -34.55
CA CYS D 62 12.25 -23.45 -35.97
C CYS D 62 13.60 -23.81 -36.53
N HIS D 63 14.64 -23.03 -36.20
CA HIS D 63 15.96 -23.35 -36.70
C HIS D 63 16.43 -24.74 -36.22
N ARG D 64 16.19 -25.06 -34.93
CA ARG D 64 16.60 -26.38 -34.39
C ARG D 64 15.82 -27.51 -35.05
N GLN D 65 14.54 -27.29 -35.36
CA GLN D 65 13.71 -28.32 -36.06
C GLN D 65 14.33 -28.65 -37.43
N LYS D 66 14.84 -27.64 -38.15
CA LYS D 66 15.51 -27.83 -39.44
C LYS D 66 16.79 -28.69 -39.25
N GLU D 67 17.57 -28.40 -38.20
CA GLU D 67 18.81 -29.14 -37.91
C GLU D 67 18.47 -30.61 -37.57
N VAL D 68 17.44 -30.83 -36.74
CA VAL D 68 17.04 -32.18 -36.33
C VAL D 68 16.50 -32.98 -37.54
N SER D 69 15.66 -32.31 -38.37
CA SER D 69 15.08 -32.85 -39.59
C SER D 69 16.20 -33.40 -40.52
N GLU D 70 17.28 -32.60 -40.72
CA GLU D 70 18.47 -32.96 -41.49
C GLU D 70 19.13 -34.26 -40.96
N GLU D 71 19.13 -34.45 -39.62
CA GLU D 71 19.73 -35.62 -38.97
C GLU D 71 18.71 -36.73 -38.68
N ASN D 72 17.45 -36.54 -39.07
CA ASN D 72 16.41 -37.54 -38.76
C ASN D 72 15.52 -37.89 -39.97
N HIS D 73 16.14 -38.05 -41.15
CA HIS D 73 15.44 -38.44 -42.39
C HIS D 73 14.21 -37.57 -42.70
N ASN D 74 14.37 -36.25 -42.48
CA ASN D 74 13.39 -35.21 -42.77
C ASN D 74 12.15 -35.24 -41.88
N HIS D 75 12.26 -35.79 -40.65
CA HIS D 75 11.15 -35.79 -39.70
C HIS D 75 11.57 -35.07 -38.44
N HIS D 76 10.70 -34.23 -37.90
CA HIS D 76 10.97 -33.50 -36.65
C HIS D 76 10.70 -34.41 -35.44
N ASN D 77 9.68 -35.30 -35.59
CA ASN D 77 9.13 -36.11 -34.51
C ASN D 77 8.68 -35.14 -33.38
N GLU D 78 7.86 -34.15 -33.75
CA GLU D 78 7.34 -33.18 -32.77
C GLU D 78 6.15 -33.80 -32.03
N ARG D 79 6.09 -33.60 -30.70
CA ARG D 79 5.01 -34.07 -29.84
C ARG D 79 4.61 -32.95 -28.93
N MET D 80 3.32 -32.91 -28.56
CA MET D 80 2.81 -31.96 -27.56
C MET D 80 2.92 -32.68 -26.23
N LEU D 81 3.69 -32.08 -25.28
CA LEU D 81 3.95 -32.69 -23.96
C LEU D 81 3.85 -31.65 -22.87
N PHE D 82 3.54 -32.11 -21.66
CA PHE D 82 3.40 -31.23 -20.50
C PHE D 82 4.72 -31.01 -19.77
N HIS D 83 4.79 -29.89 -19.05
CA HIS D 83 5.99 -29.55 -18.26
C HIS D 83 5.53 -28.78 -17.04
N GLY D 84 5.87 -29.33 -15.88
CA GLY D 84 5.58 -28.70 -14.59
C GLY D 84 6.85 -28.11 -14.01
N SER D 85 6.77 -26.87 -13.51
CA SER D 85 7.96 -26.26 -12.93
C SER D 85 7.55 -25.05 -12.08
N PRO D 86 8.27 -24.74 -10.98
CA PRO D 86 7.96 -23.50 -10.24
C PRO D 86 8.54 -22.26 -10.96
N PHE D 87 9.40 -22.48 -12.00
CA PHE D 87 10.10 -21.46 -12.80
C PHE D 87 9.42 -21.11 -14.14
N ILE D 88 8.08 -21.19 -14.20
CA ILE D 88 7.28 -20.89 -15.40
C ILE D 88 7.54 -19.48 -15.93
N ASN D 89 7.62 -18.44 -15.04
CA ASN D 89 7.83 -17.08 -15.52
C ASN D 89 9.10 -16.91 -16.35
N ALA D 90 10.24 -17.52 -15.92
CA ALA D 90 11.49 -17.45 -16.68
C ALA D 90 11.32 -18.18 -18.02
N ILE D 91 10.64 -19.35 -18.00
CA ILE D 91 10.49 -20.12 -19.24
C ILE D 91 9.65 -19.35 -20.28
N ILE D 92 8.52 -18.79 -19.87
CA ILE D 92 7.67 -18.12 -20.88
C ILE D 92 8.32 -16.83 -21.40
N HIS D 93 9.26 -16.23 -20.65
CA HIS D 93 9.91 -15.02 -21.12
C HIS D 93 11.22 -15.25 -21.81
N LYS D 94 12.03 -16.22 -21.34
CA LYS D 94 13.36 -16.49 -21.89
C LYS D 94 13.50 -17.83 -22.63
N GLY D 95 12.47 -18.65 -22.58
CA GLY D 95 12.49 -19.97 -23.24
C GLY D 95 13.11 -21.01 -22.33
N PHE D 96 13.02 -22.28 -22.71
CA PHE D 96 13.67 -23.34 -21.92
C PHE D 96 15.17 -23.19 -22.00
N ASP D 97 15.88 -23.59 -20.94
CA ASP D 97 17.32 -23.38 -20.88
C ASP D 97 18.02 -24.57 -20.21
N GLU D 98 18.72 -25.37 -21.03
CA GLU D 98 19.47 -26.53 -20.55
C GLU D 98 20.56 -26.14 -19.55
N ARG D 99 21.00 -24.85 -19.54
CA ARG D 99 22.03 -24.43 -18.58
C ARG D 99 21.50 -24.48 -17.12
N HIS D 100 20.14 -24.60 -16.92
CA HIS D 100 19.55 -24.78 -15.58
C HIS D 100 19.36 -26.28 -15.24
N ALA D 101 19.80 -27.18 -16.13
CA ALA D 101 19.64 -28.62 -15.94
C ALA D 101 20.90 -29.23 -15.34
N TYR D 102 20.75 -30.14 -14.37
CA TYR D 102 21.93 -30.74 -13.76
C TYR D 102 21.91 -32.28 -13.82
N ILE D 103 23.12 -32.84 -13.80
CA ILE D 103 23.39 -34.26 -14.05
C ILE D 103 22.70 -35.28 -13.08
N GLY D 104 22.23 -34.82 -11.92
CA GLY D 104 21.61 -35.67 -10.91
C GLY D 104 20.29 -36.36 -11.21
N GLY D 105 19.57 -35.89 -12.22
CA GLY D 105 18.28 -36.47 -12.58
C GLY D 105 18.41 -37.85 -13.19
N MET D 106 17.29 -38.60 -13.21
CA MET D 106 17.21 -39.95 -13.77
C MET D 106 17.93 -40.13 -15.12
N PHE D 107 17.75 -39.16 -16.04
CA PHE D 107 18.36 -39.19 -17.36
C PHE D 107 19.36 -38.04 -17.52
N GLY D 108 19.88 -37.57 -16.42
CA GLY D 108 20.91 -36.54 -16.43
C GLY D 108 20.40 -35.14 -16.67
N ALA D 109 21.29 -34.29 -17.20
CA ALA D 109 21.13 -32.87 -17.35
C ALA D 109 20.23 -32.46 -18.52
N GLY D 110 19.01 -32.97 -18.49
CA GLY D 110 18.03 -32.62 -19.50
C GLY D 110 16.87 -31.80 -18.97
N ILE D 111 15.95 -31.51 -19.88
CA ILE D 111 14.69 -30.81 -19.64
C ILE D 111 13.66 -31.90 -19.86
N TYR D 112 12.86 -32.16 -18.82
CA TYR D 112 11.93 -33.30 -18.74
C TYR D 112 10.46 -32.92 -19.02
N PHE D 113 9.77 -33.76 -19.79
CA PHE D 113 8.38 -33.56 -20.18
C PHE D 113 7.61 -34.86 -20.00
N ALA D 114 6.30 -34.75 -19.83
CA ALA D 114 5.47 -35.93 -19.67
C ALA D 114 4.33 -35.92 -20.71
N GLU D 115 3.91 -37.12 -21.15
CA GLU D 115 2.74 -37.20 -22.04
C GLU D 115 1.47 -37.18 -21.13
N ASN D 116 1.63 -37.41 -19.83
CA ASN D 116 0.52 -37.41 -18.87
C ASN D 116 0.60 -36.16 -18.00
N SER D 117 -0.47 -35.35 -18.04
CA SER D 117 -0.51 -34.12 -17.24
C SER D 117 -0.28 -34.39 -15.72
N SER D 118 -0.82 -35.54 -15.20
CA SER D 118 -0.70 -35.88 -13.77
C SER D 118 0.77 -36.11 -13.36
N LYS D 119 1.62 -36.49 -14.31
CA LYS D 119 3.05 -36.63 -13.99
C LYS D 119 3.70 -35.21 -13.87
N SER D 120 3.41 -34.31 -14.80
CA SER D 120 3.99 -32.96 -14.73
C SER D 120 3.44 -32.19 -13.53
N ASN D 121 2.22 -32.51 -13.12
CA ASN D 121 1.56 -31.89 -11.96
C ASN D 121 2.38 -32.18 -10.66
N GLN D 122 3.21 -33.25 -10.64
CA GLN D 122 4.04 -33.51 -9.44
C GLN D 122 5.16 -32.46 -9.24
N TYR D 123 5.43 -31.62 -10.23
CA TYR D 123 6.58 -30.71 -10.20
C TYR D 123 6.25 -29.25 -10.22
N VAL D 124 4.98 -28.89 -10.00
CA VAL D 124 4.55 -27.51 -10.18
C VAL D 124 4.98 -26.60 -9.00
N TYR D 125 5.34 -27.20 -7.87
CA TYR D 125 5.75 -26.47 -6.67
C TYR D 125 7.26 -26.61 -6.37
N GLY D 126 7.84 -27.72 -6.84
CA GLY D 126 9.26 -28.01 -6.67
C GLY D 126 9.73 -28.96 -7.75
N ILE D 127 10.87 -28.61 -8.37
CA ILE D 127 11.49 -29.40 -9.44
C ILE D 127 11.84 -30.86 -8.98
N GLY D 128 11.96 -31.08 -7.68
CA GLY D 128 12.24 -32.39 -7.09
C GLY D 128 11.08 -33.37 -7.03
N GLY D 129 9.85 -32.87 -6.89
CA GLY D 129 8.67 -33.73 -6.88
C GLY D 129 7.79 -33.82 -5.65
N GLY D 130 8.40 -34.01 -4.49
CA GLY D 130 7.63 -34.18 -3.26
C GLY D 130 7.26 -32.90 -2.55
N THR D 131 7.01 -31.83 -3.32
CA THR D 131 6.72 -30.52 -2.76
C THR D 131 5.25 -30.16 -2.84
N GLY D 132 4.74 -29.66 -1.72
CA GLY D 132 3.38 -29.17 -1.62
C GLY D 132 3.37 -27.69 -1.91
N CYS D 133 2.19 -27.07 -1.88
CA CYS D 133 2.03 -25.64 -2.11
C CYS D 133 2.89 -24.88 -1.05
N PRO D 134 3.49 -23.71 -1.34
CA PRO D 134 4.33 -23.05 -0.33
C PRO D 134 3.60 -22.63 0.96
N THR D 135 2.30 -22.31 0.88
CA THR D 135 1.53 -21.85 2.04
C THR D 135 1.10 -22.97 2.98
N HIS D 136 0.56 -24.09 2.45
CA HIS D 136 0.02 -25.14 3.32
C HIS D 136 0.88 -26.41 3.40
N LYS D 137 1.96 -26.47 2.60
CA LYS D 137 2.88 -27.63 2.51
C LYS D 137 2.09 -28.91 2.21
N ASP D 138 1.04 -28.76 1.39
CA ASP D 138 0.12 -29.84 1.05
C ASP D 138 0.26 -30.21 -0.42
N ARG D 139 0.77 -31.44 -0.70
CA ARG D 139 0.95 -31.93 -2.07
C ARG D 139 -0.43 -32.03 -2.77
N SER D 140 -1.50 -32.22 -1.96
CA SER D 140 -2.88 -32.35 -2.41
C SER D 140 -3.74 -31.10 -2.23
N CYS D 141 -3.10 -29.93 -2.15
CA CYS D 141 -3.83 -28.67 -1.98
C CYS D 141 -4.82 -28.43 -3.12
N TYR D 142 -6.10 -28.25 -2.77
CA TYR D 142 -7.20 -28.03 -3.71
C TYR D 142 -7.51 -26.56 -3.91
N ILE D 143 -6.86 -25.69 -3.12
CA ILE D 143 -7.13 -24.26 -3.21
C ILE D 143 -6.06 -23.49 -3.97
N CYS D 144 -4.78 -23.69 -3.62
CA CYS D 144 -3.69 -22.94 -4.26
C CYS D 144 -3.63 -23.17 -5.77
N HIS D 145 -3.44 -22.09 -6.53
CA HIS D 145 -3.35 -22.17 -8.00
C HIS D 145 -2.05 -22.85 -8.40
N ARG D 146 -2.11 -23.56 -9.52
CA ARG D 146 -0.95 -24.22 -10.07
C ARG D 146 -0.84 -23.75 -11.49
N GLN D 147 0.35 -23.89 -12.08
CA GLN D 147 0.54 -23.60 -13.49
C GLN D 147 1.35 -24.71 -14.09
N MET D 148 1.04 -25.02 -15.33
CA MET D 148 1.81 -26.00 -16.10
C MET D 148 1.83 -25.58 -17.54
N LEU D 149 2.85 -26.03 -18.27
CA LEU D 149 2.98 -25.70 -19.68
C LEU D 149 2.59 -26.90 -20.53
N PHE D 150 1.99 -26.66 -21.67
CA PHE D 150 1.72 -27.69 -22.68
C PHE D 150 2.54 -27.19 -23.87
N CYS D 151 3.63 -27.94 -24.22
CA CYS D 151 4.69 -27.53 -25.13
C CYS D 151 4.81 -28.29 -26.43
N ARG D 152 5.37 -27.62 -27.45
CA ARG D 152 5.76 -28.29 -28.70
C ARG D 152 7.17 -28.79 -28.37
N VAL D 153 7.42 -30.10 -28.50
CA VAL D 153 8.73 -30.67 -28.20
C VAL D 153 9.28 -31.40 -29.44
N THR D 154 10.48 -31.00 -29.91
CA THR D 154 11.13 -31.63 -31.04
C THR D 154 11.94 -32.82 -30.48
N LEU D 155 11.48 -34.07 -30.72
CA LEU D 155 12.18 -35.22 -30.16
C LEU D 155 13.23 -35.81 -31.11
N GLY D 156 13.08 -35.57 -32.40
CA GLY D 156 13.98 -36.13 -33.40
C GLY D 156 14.08 -37.64 -33.21
N LYS D 157 15.31 -38.17 -33.30
CA LYS D 157 15.51 -39.62 -33.12
C LYS D 157 15.64 -39.90 -31.62
N SER D 158 14.63 -40.58 -31.02
CA SER D 158 14.64 -40.83 -29.59
C SER D 158 15.40 -42.07 -29.20
N PHE D 159 16.13 -42.00 -28.08
CA PHE D 159 16.86 -43.11 -27.51
C PHE D 159 16.01 -43.70 -26.35
N LEU D 160 15.46 -44.92 -26.54
CA LEU D 160 14.63 -45.51 -25.52
C LEU D 160 15.44 -46.07 -24.36
N GLN D 161 15.06 -45.73 -23.14
CA GLN D 161 15.70 -46.20 -21.90
C GLN D 161 14.67 -46.66 -20.88
N PHE D 162 15.02 -47.62 -20.02
CA PHE D 162 14.06 -48.17 -19.06
C PHE D 162 14.51 -47.98 -17.62
N SER D 163 15.80 -47.62 -17.44
CA SER D 163 16.40 -47.41 -16.14
C SER D 163 17.36 -46.22 -16.22
N THR D 164 17.80 -45.70 -15.06
CA THR D 164 18.67 -44.53 -14.94
C THR D 164 19.88 -44.57 -15.89
N MET D 165 20.14 -43.42 -16.57
CA MET D 165 21.25 -43.24 -17.49
C MET D 165 21.55 -41.75 -17.45
N LYS D 166 22.45 -41.36 -16.56
CA LYS D 166 22.79 -39.97 -16.30
C LYS D 166 23.67 -39.40 -17.40
N MET D 167 23.08 -38.66 -18.33
N MET D 167 23.06 -38.58 -18.26
CA MET D 167 23.93 -38.08 -19.37
CA MET D 167 23.78 -38.04 -19.40
C MET D 167 23.91 -36.57 -19.36
C MET D 167 23.80 -36.54 -19.49
N ALA D 168 24.90 -35.99 -20.03
CA ALA D 168 25.05 -34.55 -20.17
C ALA D 168 24.34 -34.08 -21.43
N HIS D 169 24.36 -34.90 -22.48
CA HIS D 169 23.79 -34.56 -23.79
C HIS D 169 23.03 -35.77 -24.33
N ALA D 170 22.29 -35.61 -25.43
CA ALA D 170 21.57 -36.73 -26.03
C ALA D 170 22.61 -37.82 -26.43
N PRO D 171 22.26 -39.11 -26.42
CA PRO D 171 23.21 -40.13 -26.87
C PRO D 171 23.64 -39.89 -28.33
N PRO D 172 24.87 -40.29 -28.71
CA PRO D 172 25.30 -40.10 -30.11
C PRO D 172 24.22 -40.56 -31.11
N GLY D 173 24.03 -39.77 -32.15
CA GLY D 173 23.05 -40.05 -33.21
C GLY D 173 21.61 -39.87 -32.82
N HIS D 174 21.35 -39.38 -31.59
CA HIS D 174 19.97 -39.21 -31.13
C HIS D 174 19.72 -37.75 -30.71
N HIS D 175 18.42 -37.40 -30.53
CA HIS D 175 18.04 -36.03 -30.19
C HIS D 175 17.26 -35.92 -28.88
N SER D 176 16.87 -37.06 -28.31
CA SER D 176 16.10 -37.11 -27.06
C SER D 176 16.24 -38.48 -26.43
N VAL D 177 15.81 -38.55 -25.19
CA VAL D 177 15.77 -39.80 -24.45
C VAL D 177 14.33 -39.98 -24.00
N ILE D 178 13.80 -41.19 -24.17
N ILE D 178 13.80 -41.20 -24.14
CA ILE D 178 12.47 -41.52 -23.67
CA ILE D 178 12.46 -41.51 -23.66
C ILE D 178 12.62 -42.61 -22.60
C ILE D 178 12.56 -42.63 -22.62
N GLY D 179 12.20 -42.29 -21.39
CA GLY D 179 12.15 -43.22 -20.25
C GLY D 179 10.81 -43.90 -20.35
N ARG D 180 10.82 -45.21 -20.68
CA ARG D 180 9.56 -45.95 -20.84
C ARG D 180 9.13 -46.63 -19.54
N PRO D 181 7.80 -46.75 -19.31
CA PRO D 181 7.34 -47.44 -18.10
C PRO D 181 7.57 -48.95 -18.21
N SER D 182 7.78 -49.61 -17.04
CA SER D 182 7.99 -51.06 -16.84
C SER D 182 7.58 -51.46 -15.40
N VAL D 183 7.30 -52.77 -15.17
CA VAL D 183 6.73 -53.42 -13.95
C VAL D 183 6.91 -52.63 -12.58
N ASN D 184 8.05 -52.46 -11.85
CA ASN D 184 9.51 -52.71 -11.83
C ASN D 184 10.32 -51.45 -12.09
N GLY D 185 9.84 -50.58 -12.97
CA GLY D 185 10.56 -49.35 -13.30
C GLY D 185 9.71 -48.10 -13.18
N LEU D 186 9.79 -47.26 -14.23
CA LEU D 186 9.03 -46.02 -14.28
C LEU D 186 7.54 -46.28 -14.36
N ALA D 187 6.76 -45.41 -13.73
CA ALA D 187 5.30 -45.53 -13.72
C ALA D 187 4.71 -44.80 -14.93
N TYR D 188 5.43 -43.77 -15.41
CA TYR D 188 5.01 -42.95 -16.55
C TYR D 188 6.13 -42.84 -17.57
N ALA D 189 5.77 -42.57 -18.84
CA ALA D 189 6.78 -42.28 -19.85
C ALA D 189 7.29 -40.88 -19.57
N GLU D 190 8.60 -40.67 -19.72
CA GLU D 190 9.12 -39.29 -19.60
C GLU D 190 9.99 -39.04 -20.81
N TYR D 191 9.98 -37.80 -21.28
CA TYR D 191 10.63 -37.38 -22.52
C TYR D 191 11.66 -36.35 -22.13
N VAL D 192 12.90 -36.55 -22.58
CA VAL D 192 14.01 -35.69 -22.15
C VAL D 192 14.79 -35.13 -23.31
N ILE D 193 14.98 -33.79 -23.29
CA ILE D 193 15.78 -33.10 -24.31
C ILE D 193 16.96 -32.45 -23.60
N TYR D 194 18.02 -32.16 -24.34
CA TYR D 194 19.23 -31.64 -23.70
C TYR D 194 19.61 -30.27 -24.26
N ARG D 195 18.69 -29.65 -25.04
CA ARG D 195 18.85 -28.31 -25.64
C ARG D 195 17.54 -27.60 -25.44
N GLY D 196 17.60 -26.38 -24.92
CA GLY D 196 16.38 -25.60 -24.71
C GLY D 196 15.55 -25.31 -25.96
N GLU D 197 16.23 -25.16 -27.13
N GLU D 197 16.23 -25.17 -27.13
CA GLU D 197 15.58 -24.84 -28.41
CA GLU D 197 15.61 -24.87 -28.42
C GLU D 197 14.78 -26.01 -28.99
C GLU D 197 14.76 -26.01 -28.96
N GLN D 198 14.83 -27.20 -28.32
CA GLN D 198 14.01 -28.34 -28.74
C GLN D 198 12.61 -28.31 -28.09
N ALA D 199 12.22 -27.21 -27.38
CA ALA D 199 10.87 -27.11 -26.84
C ALA D 199 10.41 -25.70 -26.91
N TYR D 200 9.13 -25.54 -27.22
CA TYR D 200 8.48 -24.23 -27.28
C TYR D 200 7.32 -24.23 -26.28
N PRO D 201 7.31 -23.29 -25.32
CA PRO D 201 6.27 -23.27 -24.26
C PRO D 201 4.96 -22.70 -24.79
N GLU D 202 4.26 -23.45 -25.64
CA GLU D 202 3.10 -22.97 -26.38
C GLU D 202 1.92 -22.46 -25.52
N TYR D 203 1.50 -23.24 -24.53
CA TYR D 203 0.37 -22.91 -23.69
C TYR D 203 0.72 -22.87 -22.22
N LEU D 204 0.18 -21.86 -21.55
CA LEU D 204 0.34 -21.70 -20.12
C LEU D 204 -1.04 -21.92 -19.51
N ILE D 205 -1.13 -22.97 -18.71
CA ILE D 205 -2.38 -23.38 -18.11
C ILE D 205 -2.34 -23.04 -16.61
N THR D 206 -3.34 -22.31 -16.14
CA THR D 206 -3.53 -21.98 -14.72
C THR D 206 -4.71 -22.82 -14.25
N TYR D 207 -4.54 -23.55 -13.14
CA TYR D 207 -5.58 -24.50 -12.69
C TYR D 207 -5.49 -24.84 -11.21
N GLN D 208 -6.42 -25.66 -10.75
CA GLN D 208 -6.39 -26.29 -9.43
C GLN D 208 -6.67 -27.76 -9.66
N ILE D 209 -6.21 -28.61 -8.74
CA ILE D 209 -6.63 -30.00 -8.78
C ILE D 209 -7.98 -30.00 -8.03
N MET D 210 -8.87 -30.91 -8.38
CA MET D 210 -10.19 -30.94 -7.73
C MET D 210 -10.32 -32.07 -6.74
N LYS D 211 -11.02 -31.83 -5.62
CA LYS D 211 -11.26 -32.86 -4.59
C LYS D 211 -12.26 -33.88 -5.15
N PRO D 212 -11.91 -35.20 -5.19
CA PRO D 212 -12.86 -36.19 -5.76
C PRO D 212 -14.14 -36.34 -4.96
#